data_8RI1
#
_entry.id   8RI1
#
_cell.length_a   1.00
_cell.length_b   1.00
_cell.length_c   1.00
_cell.angle_alpha   90.00
_cell.angle_beta   90.00
_cell.angle_gamma   90.00
#
_symmetry.space_group_name_H-M   'P 1'
#
loop_
_entity.id
_entity.type
_entity.pdbx_description
1 polymer 'Multidrug resistance ABC transporter ATP-binding/permease protein BmrA'
2 non-polymer "ADENOSINE-5'-TRIPHOSPHATE"
3 non-polymer 'MAGNESIUM ION'
#
_entity_poly.entity_id   1
_entity_poly.type   'polypeptide(L)'
_entity_poly.pdbx_seq_one_letter_code
;MSSSHHHHHHMPTKKQKSKSKLKPFFALVRRTNPSYGKLAFALALSVVTTLVSLLIPLLTKQLVDGFSMSNLSGTQIGLI
ALVFFVQAGLSAYATYALNYNGQKIISGLRELLWKKLIKLPVSYFDTNASGETVSRVTNDTMVVKELITTHISGFITGII
SVIGSLTILFIMNWKLTLLVLVVVPLAALILVPIGRKMFSISRETQDETARFTGLLNQILPEIRLVKASNAEDVEYGRGK
MGISSLFKLGVREAKVQSLVGPLISLVLMAALVAVIGYGGMQVSSGELTAGALVAFILYLFQIIMPMGQITTFFTQLQKS
IGATERMIEILAEEEEDTVTGKQIENAHLPIQLDRVSFGYKPDQLILKEVSAVIEAGKVTAIVGPSGGGKTTLFKLLERF
YSPTAGTIRLGDEPVDTYSLESWREHIGYVSQESPLMSGTIRENICYGLERDVTDAEIEKAAEMAYALNFIKELPNQFDT
EVGERGIMLSGGQRQRIAIARALLRNPSILMLDAATSSLDSQSEKSVQQALEVLMEGRTTIVIAHRLSTVVDADQLLFVE
KGEITGRGTHHELMASHGLYRDFAEQQLKMNADLENKAG
;
_entity_poly.pdbx_strand_id   A,B
#
loop_
_chem_comp.id
_chem_comp.type
_chem_comp.name
_chem_comp.formula
ATP non-polymer ADENOSINE-5'-TRIPHOSPHATE 'C10 H16 N5 O13 P3'
MG non-polymer 'MAGNESIUM ION' 'Mg 2'
#
# COMPACT_ATOMS: atom_id res chain seq x y z
N LYS A 19 -21.53 -9.98 21.24
CA LYS A 19 -20.72 -9.05 22.00
C LYS A 19 -21.05 -7.61 21.61
N SER A 20 -20.07 -6.72 21.79
CA SER A 20 -20.23 -5.30 21.49
C SER A 20 -19.07 -4.85 20.63
N LYS A 21 -19.22 -3.66 20.03
CA LYS A 21 -18.18 -3.11 19.17
C LYS A 21 -17.67 -1.78 19.73
N LEU A 22 -18.58 -0.95 20.22
CA LEU A 22 -18.22 0.38 20.69
C LEU A 22 -17.17 0.32 21.80
N LYS A 23 -17.14 -0.78 22.55
CA LYS A 23 -16.20 -0.88 23.66
C LYS A 23 -14.79 -1.14 23.14
N PRO A 24 -14.59 -2.16 22.32
CA PRO A 24 -13.22 -2.42 21.82
C PRO A 24 -12.62 -1.25 21.07
N PHE A 25 -13.42 -0.51 20.29
CA PHE A 25 -12.87 0.60 19.53
C PHE A 25 -12.38 1.71 20.45
N PHE A 26 -13.18 2.09 21.43
CA PHE A 26 -12.73 3.11 22.36
C PHE A 26 -11.56 2.62 23.20
N ALA A 27 -11.52 1.33 23.52
CA ALA A 27 -10.36 0.80 24.22
C ALA A 27 -9.10 0.94 23.37
N LEU A 28 -9.20 0.61 22.07
CA LEU A 28 -8.06 0.77 21.19
C LEU A 28 -7.62 2.22 21.11
N VAL A 29 -8.57 3.14 20.99
CA VAL A 29 -8.22 4.56 20.93
C VAL A 29 -7.50 4.97 22.20
N ARG A 30 -8.02 4.55 23.35
CA ARG A 30 -7.36 4.88 24.62
C ARG A 30 -5.99 4.25 24.72
N ARG A 31 -5.77 3.13 24.02
CA ARG A 31 -4.46 2.47 24.08
C ARG A 31 -3.35 3.39 23.60
N THR A 32 -3.67 4.33 22.70
CA THR A 32 -2.70 5.33 22.27
C THR A 32 -2.62 6.42 23.33
N ASN A 33 -2.01 7.55 22.98
CA ASN A 33 -1.82 8.69 23.88
C ASN A 33 -2.44 9.91 23.22
N PRO A 34 -3.76 10.03 23.23
CA PRO A 34 -4.40 11.16 22.56
C PRO A 34 -4.14 12.47 23.29
N SER A 35 -4.34 13.56 22.56
CA SER A 35 -4.14 14.91 23.09
C SER A 35 -5.33 15.25 23.98
N TYR A 36 -5.29 14.72 25.21
CA TYR A 36 -6.40 14.94 26.14
C TYR A 36 -6.60 16.42 26.42
N GLY A 37 -5.52 17.14 26.72
CA GLY A 37 -5.65 18.55 27.01
C GLY A 37 -6.19 19.33 25.83
N LYS A 38 -5.64 19.09 24.64
CA LYS A 38 -6.11 19.80 23.46
C LYS A 38 -7.55 19.42 23.13
N LEU A 39 -7.90 18.15 23.30
CA LEU A 39 -9.28 17.73 23.03
C LEU A 39 -10.25 18.44 23.97
N ALA A 40 -9.91 18.50 25.26
CA ALA A 40 -10.76 19.21 26.21
C ALA A 40 -10.84 20.69 25.86
N PHE A 41 -9.72 21.29 25.46
CA PHE A 41 -9.71 22.69 25.09
C PHE A 41 -10.64 22.95 23.91
N ALA A 42 -10.58 22.07 22.90
CA ALA A 42 -11.43 22.22 21.73
C ALA A 42 -12.90 22.06 22.10
N LEU A 43 -13.21 21.08 22.95
CA LEU A 43 -14.60 20.90 23.38
C LEU A 43 -15.11 22.14 24.12
N ALA A 44 -14.29 22.69 25.00
CA ALA A 44 -14.70 23.89 25.72
C ALA A 44 -14.92 25.06 24.77
N LEU A 45 -14.02 25.23 23.80
CA LEU A 45 -14.19 26.32 22.84
C LEU A 45 -15.46 26.16 22.03
N SER A 46 -15.75 24.94 21.60
CA SER A 46 -16.98 24.70 20.85
C SER A 46 -18.21 25.00 21.71
N VAL A 47 -18.18 24.60 22.99
CA VAL A 47 -19.30 24.87 23.86
C VAL A 47 -19.50 26.38 24.03
N VAL A 48 -18.41 27.11 24.21
CA VAL A 48 -18.55 28.56 24.35
C VAL A 48 -19.05 29.18 23.06
N THR A 49 -18.64 28.66 21.91
CA THR A 49 -19.16 29.19 20.65
C THR A 49 -20.66 28.95 20.52
N THR A 50 -21.12 27.75 20.91
CA THR A 50 -22.55 27.48 20.88
C THR A 50 -23.32 28.36 21.87
N LEU A 51 -22.74 28.65 23.03
CA LEU A 51 -23.38 29.58 23.96
C LEU A 51 -23.39 31.00 23.41
N VAL A 52 -22.39 31.39 22.63
CA VAL A 52 -22.45 32.67 21.93
C VAL A 52 -23.60 32.67 20.93
N SER A 53 -23.76 31.57 20.19
CA SER A 53 -24.91 31.44 19.30
C SER A 53 -26.23 31.59 20.06
N LEU A 54 -26.35 30.97 21.23
CA LEU A 54 -27.53 31.14 22.08
C LEU A 54 -27.70 32.56 22.58
N LEU A 55 -26.61 33.26 22.85
CA LEU A 55 -26.68 34.68 23.21
C LEU A 55 -27.18 35.51 22.03
N ILE A 56 -26.94 35.03 20.80
CA ILE A 56 -27.38 35.78 19.62
C ILE A 56 -28.85 36.17 19.70
N PRO A 57 -29.77 35.31 20.17
CA PRO A 57 -31.16 35.77 20.34
C PRO A 57 -31.28 37.01 21.22
N LEU A 58 -30.52 37.08 22.32
CA LEU A 58 -30.45 38.31 23.08
C LEU A 58 -29.59 39.33 22.35
N LEU A 59 -28.64 38.87 21.54
CA LEU A 59 -27.84 39.77 20.73
C LEU A 59 -28.68 40.51 19.71
N THR A 60 -29.91 40.08 19.43
CA THR A 60 -30.78 40.85 18.55
C THR A 60 -31.15 42.19 19.18
N LYS A 61 -31.64 42.16 20.43
CA LYS A 61 -31.90 43.42 21.14
C LYS A 61 -30.61 44.16 21.42
N GLN A 62 -29.54 43.43 21.76
CA GLN A 62 -28.25 44.09 21.95
C GLN A 62 -27.80 44.80 20.69
N LEU A 63 -28.09 44.24 19.51
CA LEU A 63 -27.71 44.84 18.25
C LEU A 63 -28.62 46.00 17.87
N VAL A 64 -29.90 45.95 18.24
CA VAL A 64 -30.73 47.13 18.06
C VAL A 64 -30.19 48.29 18.89
N ASP A 65 -29.79 48.00 20.13
CA ASP A 65 -29.14 49.03 20.95
C ASP A 65 -27.82 49.46 20.34
N GLY A 66 -27.10 48.53 19.71
CA GLY A 66 -25.85 48.88 19.06
C GLY A 66 -26.05 49.79 17.86
N PHE A 67 -27.12 49.57 17.10
CA PHE A 67 -27.47 50.51 16.05
C PHE A 67 -27.82 51.87 16.64
N SER A 68 -28.56 51.87 17.75
CA SER A 68 -28.96 53.13 18.36
C SER A 68 -27.76 53.94 18.84
N MET A 69 -26.79 53.29 19.47
CA MET A 69 -25.73 54.00 20.18
C MET A 69 -24.40 54.04 19.44
N SER A 70 -24.12 53.07 18.57
CA SER A 70 -22.84 53.04 17.87
C SER A 70 -22.64 54.28 17.00
N ASN A 71 -23.73 54.89 16.53
CA ASN A 71 -23.62 56.19 15.89
C ASN A 71 -23.05 57.23 16.84
N LEU A 72 -23.10 56.97 18.14
CA LEU A 72 -22.56 57.87 19.15
C LEU A 72 -21.27 57.33 19.78
N SER A 73 -20.70 56.26 19.23
CA SER A 73 -19.52 55.63 19.82
C SER A 73 -18.76 54.89 18.74
N GLY A 74 -17.44 55.15 18.65
CA GLY A 74 -16.59 54.44 17.71
C GLY A 74 -15.71 53.41 18.36
N THR A 75 -15.17 53.75 19.54
CA THR A 75 -14.36 52.78 20.28
C THR A 75 -15.17 51.54 20.63
N GLN A 76 -16.49 51.67 20.82
CA GLN A 76 -17.30 50.49 21.04
C GLN A 76 -17.27 49.55 19.84
N ILE A 77 -17.40 50.11 18.63
CA ILE A 77 -17.33 49.27 17.44
C ILE A 77 -15.93 48.67 17.28
N GLY A 78 -14.90 49.44 17.62
CA GLY A 78 -13.55 48.88 17.56
C GLY A 78 -13.38 47.70 18.48
N LEU A 79 -13.84 47.83 19.73
CA LEU A 79 -13.73 46.74 20.68
C LEU A 79 -14.56 45.54 20.25
N ILE A 80 -15.76 45.79 19.72
CA ILE A 80 -16.60 44.68 19.27
C ILE A 80 -15.94 43.94 18.13
N ALA A 81 -15.33 44.67 17.17
CA ALA A 81 -14.62 44.01 16.08
C ALA A 81 -13.43 43.21 16.60
N LEU A 82 -12.70 43.76 17.58
CA LEU A 82 -11.60 43.01 18.17
C LEU A 82 -12.08 41.72 18.80
N VAL A 83 -13.20 41.78 19.52
CA VAL A 83 -13.76 40.58 20.13
C VAL A 83 -14.17 39.59 19.05
N PHE A 84 -14.76 40.07 17.96
CA PHE A 84 -15.11 39.18 16.86
C PHE A 84 -13.88 38.46 16.33
N PHE A 85 -12.81 39.21 16.06
CA PHE A 85 -11.60 38.58 15.53
C PHE A 85 -11.01 37.59 16.53
N VAL A 86 -11.09 37.90 17.82
CA VAL A 86 -10.60 36.98 18.84
C VAL A 86 -11.41 35.70 18.81
N GLN A 87 -12.73 35.80 18.65
CA GLN A 87 -13.57 34.61 18.54
C GLN A 87 -13.18 33.80 17.31
N ALA A 88 -12.92 34.48 16.19
CA ALA A 88 -12.50 33.78 14.99
C ALA A 88 -11.21 33.00 15.23
N GLY A 89 -10.23 33.66 15.84
CA GLY A 89 -8.99 32.99 16.16
C GLY A 89 -9.17 31.82 17.10
N LEU A 90 -10.06 31.96 18.09
CA LEU A 90 -10.31 30.86 19.01
C LEU A 90 -10.91 29.67 18.28
N SER A 91 -11.86 29.91 17.37
CA SER A 91 -12.42 28.80 16.60
C SER A 91 -11.36 28.14 15.74
N ALA A 92 -10.51 28.94 15.11
CA ALA A 92 -9.43 28.37 14.30
C ALA A 92 -8.51 27.51 15.15
N TYR A 93 -8.16 27.98 16.35
CA TYR A 93 -7.31 27.20 17.23
C TYR A 93 -7.99 25.91 17.66
N ALA A 94 -9.30 25.96 17.90
CA ALA A 94 -10.02 24.74 18.27
C ALA A 94 -9.95 23.72 17.14
N THR A 95 -10.17 24.17 15.90
CA THR A 95 -10.05 23.25 14.76
C THR A 95 -8.65 22.68 14.66
N TYR A 96 -7.63 23.53 14.84
CA TYR A 96 -6.26 23.04 14.75
C TYR A 96 -5.97 22.01 15.83
N ALA A 97 -6.46 22.25 17.06
CA ALA A 97 -6.25 21.29 18.13
C ALA A 97 -6.94 19.97 17.82
N LEU A 98 -8.16 20.01 17.28
CA LEU A 98 -8.83 18.76 16.92
C LEU A 98 -8.04 18.01 15.86
N ASN A 99 -7.55 18.72 14.84
CA ASN A 99 -6.76 18.05 13.81
C ASN A 99 -5.49 17.46 14.38
N TYR A 100 -4.81 18.19 15.27
CA TYR A 100 -3.59 17.67 15.87
C TYR A 100 -3.87 16.41 16.69
N ASN A 101 -4.96 16.43 17.46
CA ASN A 101 -5.32 15.25 18.24
C ASN A 101 -5.61 14.06 17.34
N GLY A 102 -6.34 14.28 16.25
CA GLY A 102 -6.61 13.20 15.32
C GLY A 102 -5.34 12.64 14.72
N GLN A 103 -4.44 13.52 14.31
CA GLN A 103 -3.18 13.05 13.73
C GLN A 103 -2.36 12.26 14.74
N LYS A 104 -2.30 12.72 15.99
CA LYS A 104 -1.58 11.94 17.00
C LYS A 104 -2.24 10.60 17.25
N ILE A 105 -3.57 10.55 17.21
CA ILE A 105 -4.26 9.27 17.40
C ILE A 105 -3.91 8.30 16.28
N ILE A 106 -3.93 8.77 15.04
CA ILE A 106 -3.60 7.87 13.94
C ILE A 106 -2.14 7.47 14.01
N SER A 107 -1.24 8.37 14.40
CA SER A 107 0.16 8.01 14.52
C SER A 107 0.35 6.96 15.60
N GLY A 108 -0.35 7.09 16.73
CA GLY A 108 -0.27 6.08 17.76
C GLY A 108 -0.79 4.73 17.28
N LEU A 109 -1.90 4.74 16.54
CA LEU A 109 -2.40 3.50 15.98
C LEU A 109 -1.37 2.85 15.07
N ARG A 110 -0.76 3.64 14.19
CA ARG A 110 0.23 3.08 13.27
C ARG A 110 1.42 2.53 14.02
N GLU A 111 1.92 3.26 15.02
CA GLU A 111 3.07 2.78 15.79
C GLU A 111 2.73 1.48 16.51
N LEU A 112 1.57 1.42 17.15
CA LEU A 112 1.19 0.21 17.87
C LEU A 112 1.05 -0.97 16.92
N LEU A 113 0.40 -0.74 15.77
CA LEU A 113 0.21 -1.83 14.82
C LEU A 113 1.54 -2.33 14.27
N TRP A 114 2.45 -1.41 13.94
CA TRP A 114 3.75 -1.83 13.44
C TRP A 114 4.53 -2.60 14.50
N LYS A 115 4.52 -2.11 15.74
CA LYS A 115 5.23 -2.80 16.81
C LYS A 115 4.68 -4.20 17.00
N LYS A 116 3.36 -4.36 16.94
CA LYS A 116 2.79 -5.69 17.03
C LYS A 116 3.22 -6.56 15.85
N LEU A 117 3.05 -6.04 14.63
CA LEU A 117 3.32 -6.84 13.44
C LEU A 117 4.75 -7.34 13.40
N ILE A 118 5.69 -6.53 13.88
CA ILE A 118 7.11 -6.90 13.74
C ILE A 118 7.46 -8.03 14.70
N LYS A 119 6.48 -8.53 15.46
CA LYS A 119 6.78 -9.51 16.49
C LYS A 119 5.98 -10.81 16.43
N LEU A 120 5.01 -10.94 15.51
CA LEU A 120 4.23 -12.17 15.48
C LEU A 120 5.09 -13.33 15.01
N PRO A 121 4.73 -14.56 15.38
CA PRO A 121 5.48 -15.73 14.91
C PRO A 121 5.38 -15.87 13.40
N VAL A 122 6.42 -16.46 12.82
CA VAL A 122 6.51 -16.55 11.38
C VAL A 122 5.34 -17.28 10.76
N SER A 123 4.64 -18.11 11.54
CA SER A 123 3.50 -18.85 10.98
C SER A 123 2.39 -17.91 10.53
N TYR A 124 2.10 -16.89 11.34
CA TYR A 124 1.03 -15.96 10.98
C TYR A 124 1.32 -15.27 9.65
N PHE A 125 2.56 -14.83 9.46
CA PHE A 125 2.92 -14.19 8.21
C PHE A 125 3.02 -15.19 7.06
N ASP A 126 3.35 -16.44 7.36
CA ASP A 126 3.31 -17.48 6.34
C ASP A 126 1.89 -17.68 5.84
N THR A 127 0.90 -17.48 6.71
CA THR A 127 -0.47 -17.80 6.34
C THR A 127 -1.35 -16.58 6.05
N ASN A 128 -0.85 -15.35 6.20
CA ASN A 128 -1.77 -14.21 6.16
C ASN A 128 -1.28 -13.04 5.30
N ALA A 129 -0.63 -13.32 4.17
CA ALA A 129 -0.53 -12.37 3.06
C ALA A 129 -0.12 -10.96 3.53
N SER A 130 1.12 -10.88 4.00
CA SER A 130 1.65 -9.65 4.61
C SER A 130 1.18 -8.36 3.92
N GLY A 131 1.18 -8.35 2.58
CA GLY A 131 0.79 -7.13 1.88
C GLY A 131 -0.59 -6.66 2.27
N GLU A 132 -1.53 -7.59 2.41
CA GLU A 132 -2.85 -7.22 2.91
C GLU A 132 -2.75 -6.57 4.28
N THR A 133 -1.84 -7.05 5.13
CA THR A 133 -1.69 -6.45 6.46
C THR A 133 -1.22 -5.00 6.37
N VAL A 134 -0.21 -4.74 5.54
CA VAL A 134 0.27 -3.37 5.43
C VAL A 134 -0.84 -2.46 4.88
N SER A 135 -1.56 -2.93 3.87
CA SER A 135 -2.69 -2.16 3.37
C SER A 135 -3.69 -1.90 4.47
N ARG A 136 -3.97 -2.91 5.29
CA ARG A 136 -4.87 -2.76 6.43
C ARG A 136 -4.44 -1.58 7.28
N VAL A 137 -3.20 -1.63 7.77
CA VAL A 137 -2.76 -0.59 8.70
C VAL A 137 -2.92 0.79 8.07
N THR A 138 -2.37 0.96 6.86
CA THR A 138 -2.36 2.30 6.27
C THR A 138 -3.79 2.81 6.02
N ASN A 139 -4.61 2.02 5.34
CA ASN A 139 -5.92 2.50 4.93
C ASN A 139 -6.84 2.71 6.14
N ASP A 140 -6.85 1.79 7.10
CA ASP A 140 -7.74 1.96 8.23
C ASP A 140 -7.30 3.12 9.12
N THR A 141 -5.99 3.32 9.29
CA THR A 141 -5.55 4.50 10.01
C THR A 141 -6.02 5.76 9.29
N MET A 142 -5.95 5.77 7.97
CA MET A 142 -6.46 6.92 7.22
C MET A 142 -7.95 7.13 7.48
N VAL A 143 -8.72 6.05 7.55
CA VAL A 143 -10.16 6.18 7.79
C VAL A 143 -10.43 6.79 9.15
N VAL A 144 -9.74 6.31 10.19
CA VAL A 144 -9.95 6.86 11.53
C VAL A 144 -9.58 8.34 11.53
N LYS A 145 -8.50 8.71 10.85
CA LYS A 145 -8.15 10.12 10.76
C LYS A 145 -9.25 10.93 10.08
N GLU A 146 -9.82 10.38 9.00
CA GLU A 146 -10.89 11.08 8.30
C GLU A 146 -12.07 11.36 9.22
N LEU A 147 -12.43 10.38 10.06
CA LEU A 147 -13.55 10.57 10.98
C LEU A 147 -13.21 11.61 12.05
N ILE A 148 -12.19 11.31 12.86
CA ILE A 148 -12.14 11.81 14.23
C ILE A 148 -12.44 13.30 14.29
N THR A 149 -11.59 14.10 13.68
CA THR A 149 -11.64 15.55 13.90
C THR A 149 -13.01 16.13 13.53
N THR A 150 -13.31 16.10 12.23
CA THR A 150 -14.51 16.76 11.74
C THR A 150 -15.76 16.20 12.39
N HIS A 151 -15.88 14.88 12.47
CA HIS A 151 -17.15 14.34 12.91
C HIS A 151 -17.34 14.44 14.41
N ILE A 152 -16.26 14.38 15.22
CA ILE A 152 -16.42 14.63 16.64
C ILE A 152 -16.82 16.09 16.87
N SER A 153 -16.19 17.02 16.15
CA SER A 153 -16.59 18.42 16.30
C SER A 153 -18.05 18.61 15.94
N GLY A 154 -18.48 18.03 14.82
CA GLY A 154 -19.86 18.16 14.40
C GLY A 154 -20.82 17.57 15.41
N PHE A 155 -20.51 16.37 15.92
CA PHE A 155 -21.39 15.74 16.89
C PHE A 155 -21.50 16.58 18.16
N ILE A 156 -20.38 17.11 18.66
CA ILE A 156 -20.42 17.87 19.89
C ILE A 156 -21.27 19.13 19.70
N THR A 157 -21.03 19.85 18.60
CA THR A 157 -21.82 21.05 18.36
C THR A 157 -23.29 20.72 18.21
N GLY A 158 -23.60 19.66 17.46
CA GLY A 158 -25.00 19.30 17.25
C GLY A 158 -25.70 18.91 18.54
N ILE A 159 -25.04 18.10 19.37
CA ILE A 159 -25.67 17.68 20.62
C ILE A 159 -25.89 18.88 21.52
N ILE A 160 -24.91 19.77 21.63
CA ILE A 160 -25.09 20.91 22.52
C ILE A 160 -26.21 21.82 22.02
N SER A 161 -26.23 22.10 20.71
CA SER A 161 -27.28 22.95 20.17
C SER A 161 -28.66 22.29 20.34
N VAL A 162 -28.73 20.99 20.15
CA VAL A 162 -30.00 20.28 20.28
C VAL A 162 -30.51 20.37 21.71
N ILE A 163 -29.62 20.17 22.69
CA ILE A 163 -30.04 20.26 24.08
C ILE A 163 -30.47 21.69 24.42
N GLY A 164 -29.73 22.68 23.92
CA GLY A 164 -30.11 24.06 24.17
C GLY A 164 -31.48 24.39 23.62
N SER A 165 -31.76 23.99 22.38
CA SER A 165 -33.07 24.22 21.81
C SER A 165 -34.15 23.41 22.52
N LEU A 166 -33.81 22.22 23.00
CA LEU A 166 -34.77 21.41 23.72
C LEU A 166 -35.19 22.07 25.02
N THR A 167 -34.26 22.74 25.71
CA THR A 167 -34.63 23.46 26.91
C THR A 167 -35.68 24.53 26.61
N ILE A 168 -35.44 25.30 25.54
CA ILE A 168 -36.38 26.35 25.17
C ILE A 168 -37.73 25.76 24.79
N LEU A 169 -37.72 24.66 24.03
CA LEU A 169 -38.98 24.02 23.66
C LEU A 169 -39.73 23.50 24.89
N PHE A 170 -39.00 22.95 25.87
CA PHE A 170 -39.63 22.52 27.11
C PHE A 170 -40.29 23.68 27.82
N ILE A 171 -39.58 24.81 27.94
CA ILE A 171 -40.15 25.94 28.65
C ILE A 171 -41.36 26.50 27.90
N MET A 172 -41.31 26.52 26.58
CA MET A 172 -42.42 27.10 25.81
C MET A 172 -43.71 26.30 26.00
N ASN A 173 -43.62 24.97 25.95
CA ASN A 173 -44.80 24.13 26.09
C ASN A 173 -44.36 22.71 26.41
N TRP A 174 -45.25 21.97 27.09
CA TRP A 174 -44.94 20.61 27.50
C TRP A 174 -45.31 19.59 26.43
N LYS A 175 -46.53 19.70 25.89
CA LYS A 175 -47.06 18.64 25.03
C LYS A 175 -46.26 18.52 23.74
N LEU A 176 -45.95 19.65 23.09
CA LEU A 176 -45.21 19.59 21.84
C LEU A 176 -43.77 19.11 22.06
N THR A 177 -43.13 19.53 23.14
CA THR A 177 -41.79 19.04 23.44
C THR A 177 -41.81 17.54 23.69
N LEU A 178 -42.83 17.06 24.41
CA LEU A 178 -42.97 15.61 24.62
C LEU A 178 -43.17 14.90 23.29
N LEU A 179 -43.96 15.49 22.39
CA LEU A 179 -44.14 14.88 21.07
C LEU A 179 -42.81 14.82 20.32
N VAL A 180 -42.00 15.87 20.39
CA VAL A 180 -40.70 15.86 19.73
C VAL A 180 -39.82 14.75 20.32
N LEU A 181 -39.84 14.61 21.65
CA LEU A 181 -39.05 13.56 22.27
C LEU A 181 -39.52 12.17 21.83
N VAL A 182 -40.84 11.96 21.78
CA VAL A 182 -41.37 10.67 21.35
C VAL A 182 -41.05 10.42 19.88
N VAL A 183 -40.88 11.48 19.09
CA VAL A 183 -40.45 11.32 17.70
C VAL A 183 -38.98 10.94 17.62
N VAL A 184 -38.15 11.50 18.52
CA VAL A 184 -36.70 11.25 18.46
C VAL A 184 -36.36 9.77 18.39
N PRO A 185 -36.96 8.89 19.18
CA PRO A 185 -36.57 7.49 19.13
C PRO A 185 -37.13 6.78 17.90
N LEU A 186 -38.16 7.34 17.25
CA LEU A 186 -38.49 6.85 15.91
C LEU A 186 -37.31 7.01 14.96
N ALA A 187 -36.68 8.18 14.97
CA ALA A 187 -35.48 8.40 14.16
C ALA A 187 -34.35 7.49 14.62
N ALA A 188 -34.21 7.31 15.94
CA ALA A 188 -33.17 6.41 16.45
C ALA A 188 -33.38 5.00 15.91
N LEU A 189 -34.63 4.52 15.94
CA LEU A 189 -34.93 3.20 15.38
C LEU A 189 -34.62 3.14 13.90
N ILE A 190 -34.98 4.20 13.16
CA ILE A 190 -34.71 4.21 11.73
C ILE A 190 -33.22 4.10 11.45
N LEU A 191 -32.40 4.74 12.28
CA LEU A 191 -30.96 4.76 12.01
C LEU A 191 -30.35 3.36 12.09
N VAL A 192 -30.93 2.45 12.86
CA VAL A 192 -30.26 1.18 13.15
C VAL A 192 -29.95 0.40 11.88
N PRO A 193 -30.91 0.09 11.01
CA PRO A 193 -30.56 -0.66 9.79
C PRO A 193 -29.52 0.06 8.94
N ILE A 194 -29.61 1.38 8.88
CA ILE A 194 -28.63 2.15 8.11
C ILE A 194 -27.26 2.00 8.73
N GLY A 195 -27.18 2.07 10.06
CA GLY A 195 -25.89 1.88 10.70
C GLY A 195 -25.30 0.51 10.42
N ARG A 196 -26.12 -0.54 10.51
CA ARG A 196 -25.60 -1.88 10.23
C ARG A 196 -25.13 -2.00 8.80
N LYS A 197 -25.90 -1.46 7.85
CA LYS A 197 -25.50 -1.52 6.45
C LYS A 197 -24.20 -0.79 6.23
N MET A 198 -24.05 0.39 6.84
CA MET A 198 -22.81 1.14 6.68
C MET A 198 -21.63 0.40 7.27
N PHE A 199 -21.82 -0.25 8.42
CA PHE A 199 -20.74 -1.02 9.02
C PHE A 199 -20.30 -2.15 8.09
N SER A 200 -21.28 -2.90 7.56
CA SER A 200 -20.92 -3.99 6.66
C SER A 200 -20.21 -3.47 5.42
N ILE A 201 -20.71 -2.39 4.85
CA ILE A 201 -20.11 -1.82 3.65
C ILE A 201 -18.67 -1.37 3.92
N SER A 202 -18.44 -0.72 5.05
CA SER A 202 -17.10 -0.25 5.36
C SER A 202 -16.14 -1.42 5.55
N ARG A 203 -16.58 -2.46 6.27
CA ARG A 203 -15.70 -3.61 6.44
C ARG A 203 -15.36 -4.25 5.10
N GLU A 204 -16.36 -4.44 4.24
CA GLU A 204 -16.10 -5.04 2.94
C GLU A 204 -15.17 -4.17 2.11
N THR A 205 -15.35 -2.85 2.17
CA THR A 205 -14.49 -1.95 1.40
C THR A 205 -13.05 -2.04 1.87
N GLN A 206 -12.84 -2.06 3.19
CA GLN A 206 -11.47 -2.18 3.69
C GLN A 206 -10.85 -3.51 3.27
N ASP A 207 -11.60 -4.60 3.36
CA ASP A 207 -11.04 -5.89 2.95
C ASP A 207 -10.71 -5.88 1.46
N GLU A 208 -11.57 -5.30 0.64
CA GLU A 208 -11.30 -5.27 -0.80
C GLU A 208 -10.10 -4.39 -1.11
N THR A 209 -9.94 -3.27 -0.42
CA THR A 209 -8.74 -2.45 -0.61
C THR A 209 -7.50 -3.23 -0.25
N ALA A 210 -7.54 -3.97 0.86
CA ALA A 210 -6.39 -4.77 1.24
C ALA A 210 -6.05 -5.80 0.17
N ARG A 211 -7.07 -6.51 -0.33
CA ARG A 211 -6.81 -7.51 -1.36
C ARG A 211 -6.26 -6.88 -2.63
N PHE A 212 -6.80 -5.73 -3.04
CA PHE A 212 -6.32 -5.06 -4.24
C PHE A 212 -4.87 -4.64 -4.09
N THR A 213 -4.51 -4.06 -2.95
CA THR A 213 -3.12 -3.67 -2.74
C THR A 213 -2.22 -4.89 -2.72
N GLY A 214 -2.67 -5.98 -2.10
CA GLY A 214 -1.87 -7.19 -2.10
C GLY A 214 -1.59 -7.72 -3.49
N LEU A 215 -2.64 -7.76 -4.33
CA LEU A 215 -2.46 -8.20 -5.70
C LEU A 215 -1.52 -7.28 -6.46
N LEU A 216 -1.69 -5.97 -6.28
CA LEU A 216 -0.85 -5.02 -6.99
C LEU A 216 0.62 -5.17 -6.60
N ASN A 217 0.88 -5.39 -5.31
CA ASN A 217 2.25 -5.55 -4.85
C ASN A 217 2.82 -6.92 -5.18
N GLN A 218 1.97 -7.92 -5.40
CA GLN A 218 2.48 -9.19 -5.92
C GLN A 218 2.81 -9.10 -7.39
N ILE A 219 2.11 -8.23 -8.13
CA ILE A 219 2.33 -8.14 -9.57
C ILE A 219 3.53 -7.26 -9.89
N LEU A 220 3.51 -6.01 -9.41
CA LEU A 220 4.50 -5.05 -9.87
C LEU A 220 5.94 -5.51 -9.65
N PRO A 221 6.35 -5.97 -8.48
CA PRO A 221 7.76 -6.38 -8.31
C PRO A 221 8.18 -7.48 -9.27
N GLU A 222 7.24 -8.28 -9.76
CA GLU A 222 7.53 -9.34 -10.71
C GLU A 222 7.31 -8.92 -12.16
N ILE A 223 7.54 -7.64 -12.47
CA ILE A 223 7.29 -7.15 -13.82
C ILE A 223 8.14 -7.91 -14.82
N ARG A 224 9.32 -8.39 -14.41
CA ARG A 224 10.18 -9.12 -15.33
C ARG A 224 9.47 -10.36 -15.86
N LEU A 225 8.79 -11.09 -14.98
CA LEU A 225 8.07 -12.28 -15.42
C LEU A 225 6.85 -11.93 -16.27
N VAL A 226 6.20 -10.81 -15.95
CA VAL A 226 5.00 -10.43 -16.70
C VAL A 226 5.35 -10.19 -18.17
N LYS A 227 6.42 -9.43 -18.41
CA LYS A 227 6.82 -9.17 -19.79
C LYS A 227 7.21 -10.45 -20.50
N ALA A 228 7.95 -11.33 -19.83
CA ALA A 228 8.39 -12.57 -20.45
C ALA A 228 7.21 -13.44 -20.83
N SER A 229 6.21 -13.53 -19.95
CA SER A 229 5.03 -14.36 -20.23
C SER A 229 4.03 -13.68 -21.14
N ASN A 230 4.22 -12.40 -21.46
CA ASN A 230 3.31 -11.67 -22.34
C ASN A 230 1.89 -11.67 -21.79
N ALA A 231 1.76 -11.51 -20.48
CA ALA A 231 0.48 -11.53 -19.81
C ALA A 231 0.05 -10.14 -19.33
N GLU A 232 0.40 -9.10 -20.08
CA GLU A 232 -0.01 -7.75 -19.68
C GLU A 232 -1.52 -7.61 -19.65
N ASP A 233 -2.21 -8.17 -20.65
CA ASP A 233 -3.65 -8.04 -20.72
C ASP A 233 -4.33 -8.71 -19.53
N VAL A 234 -3.85 -9.89 -19.14
CA VAL A 234 -4.47 -10.61 -18.02
C VAL A 234 -4.34 -9.82 -16.74
N GLU A 235 -3.15 -9.28 -16.47
CA GLU A 235 -2.97 -8.51 -15.24
C GLU A 235 -3.74 -7.20 -15.28
N TYR A 236 -3.83 -6.56 -16.44
CA TYR A 236 -4.68 -5.39 -16.55
C TYR A 236 -6.13 -5.74 -16.24
N GLY A 237 -6.59 -6.90 -16.72
CA GLY A 237 -7.93 -7.33 -16.39
C GLY A 237 -8.13 -7.58 -14.90
N ARG A 238 -7.14 -8.19 -14.25
CA ARG A 238 -7.24 -8.39 -12.81
C ARG A 238 -7.32 -7.06 -12.07
N GLY A 239 -6.49 -6.11 -12.46
CA GLY A 239 -6.57 -4.79 -11.84
C GLY A 239 -7.90 -4.13 -12.07
N LYS A 240 -8.45 -4.26 -13.28
CA LYS A 240 -9.75 -3.69 -13.58
C LYS A 240 -10.83 -4.33 -12.73
N MET A 241 -10.77 -5.65 -12.54
CA MET A 241 -11.76 -6.32 -11.70
C MET A 241 -11.68 -5.83 -10.26
N GLY A 242 -10.47 -5.70 -9.73
CA GLY A 242 -10.35 -5.17 -8.38
C GLY A 242 -10.88 -3.76 -8.26
N ILE A 243 -10.56 -2.91 -9.23
CA ILE A 243 -11.04 -1.53 -9.20
C ILE A 243 -12.55 -1.49 -9.32
N SER A 244 -13.14 -2.40 -10.10
CA SER A 244 -14.59 -2.45 -10.22
C SER A 244 -15.23 -2.87 -8.90
N SER A 245 -14.61 -3.82 -8.19
CA SER A 245 -15.14 -4.17 -6.87
C SER A 245 -15.09 -2.97 -5.94
N LEU A 246 -13.98 -2.24 -5.94
CA LEU A 246 -13.90 -1.03 -5.12
C LEU A 246 -14.98 -0.02 -5.52
N PHE A 247 -15.20 0.14 -6.83
CA PHE A 247 -16.21 1.07 -7.32
C PHE A 247 -17.60 0.67 -6.84
N LYS A 248 -17.92 -0.63 -6.92
CA LYS A 248 -19.22 -1.09 -6.45
C LYS A 248 -19.40 -0.82 -4.98
N LEU A 249 -18.39 -1.10 -4.17
CA LEU A 249 -18.52 -0.83 -2.73
C LEU A 249 -18.71 0.65 -2.48
N GLY A 250 -17.95 1.51 -3.17
CA GLY A 250 -18.11 2.93 -2.98
C GLY A 250 -19.49 3.41 -3.36
N VAL A 251 -20.03 2.91 -4.47
CA VAL A 251 -21.35 3.32 -4.89
C VAL A 251 -22.41 2.85 -3.91
N ARG A 252 -22.26 1.63 -3.36
CA ARG A 252 -23.21 1.18 -2.36
C ARG A 252 -23.17 2.06 -1.12
N GLU A 253 -21.96 2.43 -0.68
CA GLU A 253 -21.84 3.34 0.45
C GLU A 253 -22.52 4.68 0.16
N ALA A 254 -22.32 5.20 -1.05
CA ALA A 254 -22.97 6.46 -1.41
C ALA A 254 -24.48 6.32 -1.38
N LYS A 255 -25.01 5.19 -1.86
CA LYS A 255 -26.45 4.97 -1.81
C LYS A 255 -26.95 4.95 -0.37
N VAL A 256 -26.23 4.29 0.53
CA VAL A 256 -26.68 4.23 1.91
C VAL A 256 -26.69 5.62 2.54
N GLN A 257 -25.64 6.42 2.28
CA GLN A 257 -25.64 7.78 2.80
C GLN A 257 -26.78 8.61 2.23
N SER A 258 -27.04 8.47 0.93
CA SER A 258 -28.16 9.18 0.33
C SER A 258 -29.46 8.81 1.01
N LEU A 259 -29.67 7.51 1.25
CA LEU A 259 -30.88 7.08 1.95
C LEU A 259 -30.95 7.67 3.35
N VAL A 260 -29.82 7.77 4.05
CA VAL A 260 -29.81 8.48 5.33
C VAL A 260 -30.34 9.88 5.14
N GLY A 261 -29.98 10.51 4.02
CA GLY A 261 -30.51 11.81 3.69
C GLY A 261 -32.08 11.91 3.81
N PRO A 262 -33.25 11.32 3.13
CA PRO A 262 -34.30 11.99 3.48
C PRO A 262 -34.96 11.34 4.70
N LEU A 263 -34.44 10.24 5.28
CA LEU A 263 -35.20 9.57 6.32
C LEU A 263 -35.39 10.47 7.53
N ILE A 264 -34.36 11.23 7.91
CA ILE A 264 -34.49 12.18 9.00
C ILE A 264 -35.51 13.24 8.63
N SER A 265 -35.52 13.67 7.37
CA SER A 265 -36.50 14.65 6.94
C SER A 265 -37.91 14.11 7.08
N LEU A 266 -38.13 12.85 6.69
CA LEU A 266 -39.45 12.25 6.82
C LEU A 266 -39.86 12.14 8.28
N VAL A 267 -38.94 11.72 9.15
CA VAL A 267 -39.26 11.59 10.56
C VAL A 267 -39.61 12.94 11.15
N LEU A 268 -38.87 13.99 10.80
CA LEU A 268 -39.18 15.32 11.30
C LEU A 268 -40.49 15.84 10.74
N MET A 269 -40.82 15.52 9.49
CA MET A 269 -42.11 15.91 8.94
C MET A 269 -43.25 15.25 9.70
N ALA A 270 -43.11 13.96 9.99
CA ALA A 270 -44.13 13.28 10.78
C ALA A 270 -44.25 13.89 12.18
N ALA A 271 -43.11 14.22 12.78
CA ALA A 271 -43.12 14.87 14.09
C ALA A 271 -43.86 16.20 14.03
N LEU A 272 -43.59 16.99 12.98
CA LEU A 272 -44.27 18.27 12.83
C LEU A 272 -45.77 18.09 12.66
N VAL A 273 -46.17 17.09 11.88
CA VAL A 273 -47.60 16.84 11.68
C VAL A 273 -48.25 16.47 13.01
N ALA A 274 -47.61 15.59 13.77
CA ALA A 274 -48.15 15.19 15.06
C ALA A 274 -48.24 16.37 16.02
N VAL A 275 -47.21 17.23 16.01
CA VAL A 275 -47.23 18.41 16.88
C VAL A 275 -48.36 19.35 16.48
N ILE A 276 -48.54 19.56 15.18
CA ILE A 276 -49.62 20.43 14.72
C ILE A 276 -50.97 19.88 15.15
N GLY A 277 -51.17 18.57 15.00
CA GLY A 277 -52.43 17.98 15.43
C GLY A 277 -52.66 18.12 16.91
N TYR A 278 -51.65 17.82 17.71
CA TYR A 278 -51.79 17.93 19.16
C TYR A 278 -52.06 19.37 19.59
N GLY A 279 -51.36 20.33 18.99
CA GLY A 279 -51.65 21.72 19.27
C GLY A 279 -53.05 22.12 18.87
N GLY A 280 -53.53 21.60 17.74
CA GLY A 280 -54.93 21.77 17.39
C GLY A 280 -55.86 21.21 18.44
N MET A 281 -55.43 20.15 19.12
CA MET A 281 -56.18 19.70 20.29
C MET A 281 -56.18 20.78 21.36
N GLN A 282 -55.05 21.46 21.54
CA GLN A 282 -54.95 22.63 22.41
C GLN A 282 -55.70 23.84 21.86
N VAL A 283 -56.37 23.71 20.71
CA VAL A 283 -57.07 24.84 20.13
C VAL A 283 -58.04 25.44 21.13
N SER A 284 -58.67 24.58 21.95
CA SER A 284 -59.54 25.08 23.01
C SER A 284 -58.75 25.88 24.04
N SER A 285 -57.61 25.35 24.48
CA SER A 285 -56.79 26.00 25.48
C SER A 285 -55.32 25.62 25.26
N GLY A 286 -54.43 26.56 25.54
CA GLY A 286 -53.02 26.34 25.29
C GLY A 286 -52.60 26.80 23.91
N GLU A 287 -53.31 26.33 22.89
CA GLU A 287 -53.08 26.79 21.52
C GLU A 287 -53.59 28.22 21.32
N LEU A 288 -54.22 28.81 22.33
CA LEU A 288 -54.73 30.17 22.22
C LEU A 288 -53.62 31.13 21.84
N THR A 289 -52.39 30.74 22.17
CA THR A 289 -51.24 31.54 21.81
C THR A 289 -50.81 31.03 20.48
N ALA A 290 -51.60 31.30 19.45
CA ALA A 290 -51.31 30.73 18.14
C ALA A 290 -49.98 31.14 17.53
N GLY A 291 -49.45 32.29 17.96
CA GLY A 291 -48.17 32.75 17.46
C GLY A 291 -47.11 31.89 18.11
N ALA A 292 -47.28 31.64 19.42
CA ALA A 292 -46.37 30.74 20.10
C ALA A 292 -46.26 29.41 19.37
N LEU A 293 -47.40 28.83 19.00
CA LEU A 293 -47.37 27.62 18.17
C LEU A 293 -46.54 27.87 16.91
N VAL A 294 -46.87 28.94 16.18
CA VAL A 294 -46.05 29.31 15.03
C VAL A 294 -44.60 29.49 15.47
N ALA A 295 -44.40 30.20 16.58
CA ALA A 295 -43.05 30.33 17.14
C ALA A 295 -42.40 28.96 17.28
N PHE A 296 -43.13 28.02 17.90
CA PHE A 296 -42.61 26.67 18.05
C PHE A 296 -42.14 26.14 16.71
N ILE A 297 -42.96 26.29 15.68
CA ILE A 297 -42.60 25.79 14.36
C ILE A 297 -41.25 26.36 13.95
N LEU A 298 -41.09 27.67 14.10
CA LEU A 298 -39.79 28.28 13.79
C LEU A 298 -38.68 27.57 14.55
N TYR A 299 -38.84 27.46 15.88
CA TYR A 299 -37.81 26.81 16.67
C TYR A 299 -37.62 25.37 16.22
N LEU A 300 -38.71 24.70 15.80
CA LEU A 300 -38.55 23.35 15.29
C LEU A 300 -37.51 23.29 14.19
N PHE A 301 -37.58 24.23 13.24
CA PHE A 301 -36.58 24.25 12.19
C PHE A 301 -35.18 24.22 12.78
N GLN A 302 -34.93 25.10 13.76
CA GLN A 302 -33.61 25.18 14.38
C GLN A 302 -33.16 23.81 14.87
N ILE A 303 -34.03 23.08 15.55
CA ILE A 303 -33.59 21.85 16.20
C ILE A 303 -33.02 20.86 15.20
N ILE A 304 -33.36 21.01 13.92
CA ILE A 304 -32.89 20.02 12.96
C ILE A 304 -31.61 20.42 12.26
N MET A 305 -31.20 21.69 12.35
CA MET A 305 -29.89 22.06 11.81
C MET A 305 -28.79 21.26 12.47
N PRO A 306 -28.69 21.23 13.80
CA PRO A 306 -27.71 20.35 14.44
C PRO A 306 -28.00 18.88 14.19
N MET A 307 -29.26 18.51 13.98
CA MET A 307 -29.58 17.09 13.78
C MET A 307 -28.81 16.52 12.61
N GLY A 308 -28.81 17.22 11.47
CA GLY A 308 -28.05 16.78 10.32
C GLY A 308 -26.61 16.48 10.62
N GLN A 309 -26.07 16.99 11.71
CA GLN A 309 -24.73 16.63 12.16
C GLN A 309 -24.76 15.38 13.05
N ILE A 310 -25.58 15.41 14.10
CA ILE A 310 -25.55 14.34 15.10
C ILE A 310 -25.65 12.98 14.43
N THR A 311 -26.78 12.73 13.76
CA THR A 311 -26.96 11.45 13.08
C THR A 311 -25.77 11.15 12.18
N THR A 312 -25.32 12.14 11.41
CA THR A 312 -24.18 11.91 10.53
C THR A 312 -23.02 11.29 11.29
N PHE A 313 -22.66 11.90 12.42
CA PHE A 313 -21.55 11.37 13.21
C PHE A 313 -21.77 9.89 13.49
N PHE A 314 -22.95 9.53 13.98
CA PHE A 314 -23.22 8.13 14.29
C PHE A 314 -22.89 7.26 13.08
N THR A 315 -23.43 7.60 11.91
CA THR A 315 -23.13 6.81 10.73
C THR A 315 -21.63 6.68 10.54
N GLN A 316 -20.92 7.81 10.54
CA GLN A 316 -19.48 7.75 10.37
C GLN A 316 -18.85 6.87 11.42
N LEU A 317 -19.30 7.00 12.67
CA LEU A 317 -18.74 6.15 13.72
C LEU A 317 -18.80 4.69 13.30
N GLN A 318 -19.98 4.24 12.85
CA GLN A 318 -20.10 2.85 12.43
C GLN A 318 -19.06 2.52 11.37
N LYS A 319 -18.92 3.37 10.36
CA LYS A 319 -17.90 3.14 9.35
C LYS A 319 -16.55 2.92 10.00
N SER A 320 -16.15 3.82 10.88
CA SER A 320 -14.86 3.68 11.54
C SER A 320 -14.78 2.34 12.25
N ILE A 321 -15.84 1.98 12.98
CA ILE A 321 -15.83 0.72 13.72
C ILE A 321 -15.57 -0.43 12.76
N GLY A 322 -16.12 -0.37 11.56
CA GLY A 322 -15.83 -1.40 10.59
C GLY A 322 -14.39 -1.36 10.12
N ALA A 323 -13.90 -0.16 9.78
CA ALA A 323 -12.59 -0.07 9.14
C ALA A 323 -11.51 -0.66 10.02
N THR A 324 -11.58 -0.41 11.32
CA THR A 324 -10.56 -0.86 12.26
C THR A 324 -10.85 -2.23 12.83
N GLU A 325 -11.95 -2.86 12.41
CA GLU A 325 -12.28 -4.17 12.96
C GLU A 325 -11.09 -5.11 12.90
N ARG A 326 -10.42 -5.16 11.75
CA ARG A 326 -9.31 -6.10 11.60
C ARG A 326 -8.20 -5.82 12.60
N MET A 327 -7.88 -4.54 12.85
CA MET A 327 -6.85 -4.24 13.85
C MET A 327 -7.19 -4.89 15.18
N ILE A 328 -8.46 -4.87 15.57
CA ILE A 328 -8.82 -5.47 16.85
C ILE A 328 -8.43 -6.94 16.87
N GLU A 329 -8.60 -7.63 15.74
CA GLU A 329 -8.11 -8.99 15.63
C GLU A 329 -6.59 -9.02 15.57
N ILE A 330 -5.99 -8.10 14.82
CA ILE A 330 -4.53 -8.13 14.66
C ILE A 330 -3.84 -7.92 15.99
N LEU A 331 -4.35 -7.01 16.82
CA LEU A 331 -3.67 -6.69 18.07
C LEU A 331 -3.98 -7.71 19.15
N ALA A 332 -3.89 -8.99 18.81
CA ALA A 332 -3.83 -10.07 19.80
C ALA A 332 -3.24 -11.28 19.08
N GLU A 333 -1.94 -11.49 19.24
CA GLU A 333 -1.31 -12.63 18.58
C GLU A 333 -0.21 -13.29 19.41
N GLU A 334 0.00 -12.85 20.65
CA GLU A 334 0.92 -13.54 21.57
C GLU A 334 2.35 -13.59 21.01
N GLU A 335 2.95 -12.41 20.90
CA GLU A 335 4.39 -12.35 20.65
C GLU A 335 5.13 -13.07 21.76
N GLU A 336 6.34 -13.56 21.44
CA GLU A 336 6.99 -14.52 22.32
C GLU A 336 8.50 -14.29 22.48
N ASP A 337 8.98 -13.07 22.34
CA ASP A 337 10.42 -12.84 22.34
C ASP A 337 11.00 -12.34 23.66
N THR A 338 12.23 -12.80 23.98
CA THR A 338 13.10 -12.29 25.13
C THR A 338 13.07 -12.60 26.64
N VAL A 339 12.19 -13.41 27.13
CA VAL A 339 11.98 -13.61 28.58
C VAL A 339 11.79 -15.06 29.01
N THR A 340 12.37 -15.99 28.32
CA THR A 340 12.45 -17.35 28.81
C THR A 340 13.84 -17.08 29.32
N GLY A 341 13.90 -16.33 30.40
CA GLY A 341 15.19 -15.99 30.95
C GLY A 341 16.50 -16.66 31.17
N LYS A 342 16.99 -17.35 30.17
CA LYS A 342 18.28 -18.03 30.23
C LYS A 342 19.02 -17.49 29.02
N GLN A 343 20.25 -17.04 29.25
CA GLN A 343 21.13 -16.61 28.17
C GLN A 343 22.21 -17.66 27.95
N ILE A 344 22.37 -18.08 26.70
CA ILE A 344 23.39 -19.07 26.38
C ILE A 344 24.75 -18.54 26.82
N GLU A 345 25.51 -19.38 27.52
CA GLU A 345 26.80 -18.98 28.06
C GLU A 345 27.96 -19.85 27.60
N ASN A 346 27.70 -20.97 26.93
CA ASN A 346 28.77 -21.82 26.43
C ASN A 346 28.80 -21.87 24.91
N ALA A 347 27.68 -22.20 24.27
CA ALA A 347 27.57 -22.22 22.81
C ALA A 347 28.54 -23.20 22.17
N HIS A 348 28.97 -24.22 22.91
CA HIS A 348 29.88 -25.23 22.38
C HIS A 348 29.38 -26.64 22.70
N LEU A 349 28.08 -26.79 22.90
CA LEU A 349 27.54 -28.10 23.22
C LEU A 349 26.93 -28.74 21.98
N PRO A 350 26.98 -30.07 21.89
CA PRO A 350 26.33 -30.75 20.76
C PRO A 350 24.83 -30.56 20.82
N ILE A 351 24.21 -30.50 19.65
CA ILE A 351 22.76 -30.32 19.54
C ILE A 351 22.10 -31.68 19.42
N GLN A 352 21.23 -32.01 20.35
CA GLN A 352 20.57 -33.31 20.40
C GLN A 352 19.14 -33.16 19.90
N LEU A 353 18.87 -33.68 18.71
CA LEU A 353 17.52 -33.68 18.14
C LEU A 353 16.84 -34.96 18.61
N ASP A 354 15.92 -34.81 19.56
CA ASP A 354 15.16 -35.94 20.09
C ASP A 354 14.17 -36.97 19.58
N ARG A 355 12.96 -36.54 19.23
CA ARG A 355 11.99 -37.48 18.69
C ARG A 355 11.21 -36.22 18.31
N VAL A 356 11.37 -35.77 17.06
CA VAL A 356 10.76 -34.54 16.58
C VAL A 356 10.00 -34.84 15.30
N SER A 357 8.82 -34.26 15.18
CA SER A 357 8.01 -34.36 13.97
C SER A 357 7.25 -33.06 13.80
N PHE A 358 7.45 -32.39 12.68
CA PHE A 358 6.87 -31.08 12.44
C PHE A 358 6.12 -31.06 11.11
N GLY A 359 5.00 -30.35 11.12
CA GLY A 359 4.22 -30.12 9.92
C GLY A 359 3.60 -28.73 9.95
N TYR A 360 3.73 -27.99 8.86
CA TYR A 360 3.22 -26.62 8.84
C TYR A 360 1.71 -26.60 9.08
N LYS A 361 0.99 -27.51 8.45
CA LYS A 361 -0.41 -27.68 8.79
C LYS A 361 -0.53 -28.57 10.02
N PRO A 362 -1.62 -28.46 10.78
CA PRO A 362 -1.74 -29.25 12.01
C PRO A 362 -1.67 -30.74 11.79
N ASP A 363 -2.15 -31.24 10.65
CA ASP A 363 -2.23 -32.69 10.42
C ASP A 363 -1.00 -33.22 9.70
N GLN A 364 -0.71 -32.69 8.51
CA GLN A 364 0.37 -33.23 7.70
C GLN A 364 1.70 -33.12 8.43
N LEU A 365 2.54 -34.15 8.25
CA LEU A 365 3.84 -34.21 8.90
C LEU A 365 4.93 -34.07 7.84
N ILE A 366 5.84 -33.12 8.06
CA ILE A 366 6.98 -32.94 7.17
C ILE A 366 8.13 -33.79 7.67
N LEU A 367 8.56 -33.54 8.90
CA LEU A 367 9.55 -34.36 9.56
C LEU A 367 8.85 -35.41 10.41
N LYS A 368 9.24 -36.67 10.23
CA LYS A 368 8.58 -37.80 10.88
C LYS A 368 9.58 -38.51 11.78
N GLU A 369 9.47 -38.30 13.09
CA GLU A 369 10.28 -39.01 14.07
C GLU A 369 11.77 -38.87 13.78
N VAL A 370 12.18 -37.64 13.45
CA VAL A 370 13.60 -37.39 13.20
C VAL A 370 14.34 -37.26 14.53
N SER A 371 15.55 -37.81 14.58
CA SER A 371 16.38 -37.74 15.77
C SER A 371 17.83 -37.96 15.38
N ALA A 372 18.73 -37.15 15.94
CA ALA A 372 20.15 -37.26 15.61
C ALA A 372 20.94 -36.41 16.59
N VAL A 373 22.25 -36.33 16.36
CA VAL A 373 23.15 -35.54 17.19
C VAL A 373 24.09 -34.76 16.28
N ILE A 374 24.13 -33.45 16.45
CA ILE A 374 25.07 -32.59 15.74
C ILE A 374 26.23 -32.32 16.69
N GLU A 375 27.39 -32.87 16.36
CA GLU A 375 28.56 -32.73 17.22
C GLU A 375 29.13 -31.32 17.13
N ALA A 376 29.44 -30.72 18.27
CA ALA A 376 29.98 -29.37 18.33
C ALA A 376 31.42 -29.40 17.82
N GLY A 377 31.62 -28.99 16.57
CA GLY A 377 32.94 -28.99 15.99
C GLY A 377 33.04 -29.88 14.76
N LYS A 378 31.89 -30.36 14.29
CA LYS A 378 31.82 -31.22 13.12
C LYS A 378 30.81 -30.64 12.12
N VAL A 379 31.12 -30.78 10.83
CA VAL A 379 30.31 -30.20 9.77
C VAL A 379 29.26 -31.24 9.39
N THR A 380 28.16 -31.25 10.14
CA THR A 380 27.04 -32.11 9.80
C THR A 380 26.37 -31.60 8.53
N ALA A 381 26.25 -32.47 7.53
CA ALA A 381 25.72 -32.09 6.23
C ALA A 381 24.38 -32.79 6.00
N ILE A 382 23.30 -32.01 6.01
CA ILE A 382 21.99 -32.56 5.67
C ILE A 382 21.89 -32.63 4.15
N VAL A 383 21.74 -33.85 3.63
CA VAL A 383 21.71 -34.08 2.18
C VAL A 383 20.53 -34.98 1.86
N GLY A 384 19.84 -34.68 0.77
CA GLY A 384 18.74 -35.48 0.33
C GLY A 384 18.01 -34.89 -0.87
N PRO A 385 17.10 -35.66 -1.46
CA PRO A 385 16.34 -35.16 -2.60
C PRO A 385 15.43 -34.01 -2.22
N SER A 386 15.14 -33.18 -3.21
CA SER A 386 14.29 -32.02 -2.98
C SER A 386 12.93 -32.44 -2.44
N GLY A 387 12.41 -31.65 -1.51
CA GLY A 387 11.15 -31.97 -0.87
C GLY A 387 11.26 -32.88 0.33
N GLY A 388 12.46 -33.35 0.66
CA GLY A 388 12.61 -34.21 1.83
C GLY A 388 12.27 -33.51 3.13
N GLY A 389 12.61 -32.23 3.23
CA GLY A 389 12.39 -31.49 4.45
C GLY A 389 13.67 -30.98 5.07
N LYS A 390 14.66 -30.66 4.24
CA LYS A 390 15.92 -30.15 4.76
C LYS A 390 15.77 -28.77 5.38
N THR A 391 15.12 -27.85 4.66
CA THR A 391 15.02 -26.47 5.15
C THR A 391 14.19 -26.39 6.42
N THR A 392 13.12 -27.18 6.51
CA THR A 392 12.29 -27.13 7.71
C THR A 392 13.08 -27.53 8.95
N LEU A 393 14.04 -28.44 8.82
CA LEU A 393 14.90 -28.77 9.95
C LEU A 393 15.68 -27.55 10.41
N PHE A 394 16.23 -26.78 9.46
CA PHE A 394 16.92 -25.55 9.82
C PHE A 394 15.97 -24.56 10.50
N LYS A 395 14.75 -24.44 9.99
CA LYS A 395 13.77 -23.55 10.61
C LYS A 395 13.52 -23.97 12.05
N LEU A 396 13.42 -25.28 12.31
CA LEU A 396 13.26 -25.76 13.67
C LEU A 396 14.48 -25.41 14.52
N LEU A 397 15.68 -25.55 13.95
CA LEU A 397 16.89 -25.23 14.71
C LEU A 397 16.91 -23.76 15.13
N GLU A 398 16.51 -22.87 14.24
CA GLU A 398 16.41 -21.45 14.56
C GLU A 398 15.23 -21.14 15.47
N ARG A 399 14.40 -22.13 15.78
CA ARG A 399 13.23 -21.92 16.63
C ARG A 399 12.22 -20.98 15.97
N PHE A 400 12.19 -21.01 14.63
CA PHE A 400 11.10 -20.33 13.92
C PHE A 400 9.76 -20.96 14.29
N TYR A 401 9.71 -22.28 14.37
CA TYR A 401 8.53 -23.02 14.78
C TYR A 401 8.88 -23.94 15.94
N SER A 402 7.90 -24.18 16.80
CA SER A 402 8.26 -25.09 17.89
C SER A 402 7.93 -26.52 17.51
N PRO A 403 8.83 -27.47 17.79
CA PRO A 403 8.56 -28.87 17.45
C PRO A 403 7.30 -29.38 18.15
N THR A 404 6.56 -30.23 17.45
CA THR A 404 5.31 -30.77 17.96
C THR A 404 5.43 -32.20 18.47
N ALA A 405 6.64 -32.76 18.48
CA ALA A 405 6.85 -34.14 18.91
C ALA A 405 7.73 -34.24 20.13
N GLY A 406 8.92 -33.66 20.11
CA GLY A 406 9.85 -33.81 21.21
C GLY A 406 10.52 -32.52 21.63
N THR A 407 11.83 -32.56 21.84
CA THR A 407 12.58 -31.42 22.31
C THR A 407 13.99 -31.44 21.72
N ILE A 408 14.64 -30.30 21.77
CA ILE A 408 16.02 -30.14 21.31
C ILE A 408 16.86 -29.70 22.50
N ARG A 409 17.92 -30.45 22.78
CA ARG A 409 18.75 -30.22 23.97
C ARG A 409 20.20 -30.04 23.56
N LEU A 410 20.88 -29.09 24.20
CA LEU A 410 22.31 -28.91 24.04
C LEU A 410 23.04 -29.62 25.17
N GLY A 411 23.03 -30.95 25.10
CA GLY A 411 23.64 -31.76 26.14
C GLY A 411 22.85 -31.76 27.43
N ASP A 412 21.66 -32.36 27.41
CA ASP A 412 20.82 -32.49 28.60
C ASP A 412 20.27 -31.12 29.04
N GLU A 413 19.84 -30.31 28.09
CA GLU A 413 19.27 -29.00 28.38
C GLU A 413 18.29 -28.65 27.26
N PRO A 414 16.99 -28.68 27.54
CA PRO A 414 16.02 -28.34 26.50
C PRO A 414 16.24 -26.92 25.98
N VAL A 415 16.07 -26.76 24.67
CA VAL A 415 16.31 -25.47 24.03
C VAL A 415 15.31 -24.43 24.48
N ASP A 416 14.08 -24.84 24.82
CA ASP A 416 13.05 -23.87 25.20
C ASP A 416 13.46 -23.03 26.39
N THR A 417 14.37 -23.51 27.23
CA THR A 417 14.79 -22.74 28.40
C THR A 417 15.48 -21.44 27.99
N TYR A 418 16.32 -21.48 26.96
CA TYR A 418 17.05 -20.31 26.53
C TYR A 418 16.15 -19.32 25.81
N SER A 419 16.41 -18.04 26.03
CA SER A 419 15.62 -17.00 25.39
C SER A 419 15.90 -16.98 23.89
N LEU A 420 14.88 -16.55 23.12
CA LEU A 420 15.02 -16.50 21.68
C LEU A 420 16.16 -15.57 21.26
N GLU A 421 16.28 -14.42 21.93
CA GLU A 421 17.32 -13.47 21.57
C GLU A 421 18.70 -14.10 21.71
N SER A 422 18.95 -14.78 22.83
CA SER A 422 20.25 -15.41 23.03
C SER A 422 20.49 -16.51 22.02
N TRP A 423 19.48 -17.33 21.76
CA TRP A 423 19.66 -18.44 20.82
C TRP A 423 19.96 -17.94 19.42
N ARG A 424 19.27 -16.90 18.97
CA ARG A 424 19.46 -16.39 17.62
C ARG A 424 20.64 -15.42 17.50
N GLU A 425 21.20 -14.96 18.62
CA GLU A 425 22.41 -14.16 18.56
C GLU A 425 23.67 -15.00 18.41
N HIS A 426 23.57 -16.31 18.59
CA HIS A 426 24.72 -17.19 18.49
C HIS A 426 24.69 -18.08 17.25
N ILE A 427 23.77 -17.81 16.32
CA ILE A 427 23.55 -18.69 15.17
C ILE A 427 23.62 -17.87 13.89
N GLY A 428 24.40 -18.34 12.93
CA GLY A 428 24.42 -17.77 11.59
C GLY A 428 23.62 -18.63 10.63
N TYR A 429 22.70 -18.00 9.91
CA TYR A 429 21.72 -18.71 9.10
C TYR A 429 21.65 -18.05 7.73
N VAL A 430 22.01 -18.78 6.68
CA VAL A 430 21.89 -18.30 5.31
C VAL A 430 20.67 -18.95 4.68
N SER A 431 19.66 -18.14 4.37
CA SER A 431 18.42 -18.67 3.81
C SER A 431 18.65 -19.19 2.40
N GLN A 432 17.75 -20.07 1.96
CA GLN A 432 17.83 -20.57 0.59
C GLN A 432 17.63 -19.44 -0.42
N GLU A 433 16.68 -18.55 -0.15
CA GLU A 433 16.42 -17.45 -1.08
C GLU A 433 17.57 -16.46 -1.16
N SER A 434 18.41 -16.40 -0.13
CA SER A 434 19.48 -15.41 -0.06
C SER A 434 18.92 -13.99 -0.24
N PRO A 435 17.96 -13.59 0.59
CA PRO A 435 17.28 -12.31 0.36
C PRO A 435 18.15 -11.13 0.75
N LEU A 436 17.85 -9.99 0.13
CA LEU A 436 18.48 -8.73 0.43
C LEU A 436 17.43 -7.63 0.45
N MET A 437 17.65 -6.64 1.32
CA MET A 437 16.77 -5.50 1.41
C MET A 437 17.39 -4.30 0.70
N SER A 438 16.56 -3.32 0.40
CA SER A 438 17.03 -2.10 -0.24
C SER A 438 17.97 -1.36 0.68
N GLY A 439 18.88 -0.59 0.09
CA GLY A 439 19.89 0.15 0.81
C GLY A 439 21.28 -0.25 0.36
N THR A 440 22.26 0.42 0.93
CA THR A 440 23.64 0.17 0.52
C THR A 440 24.07 -1.23 0.96
N ILE A 441 25.06 -1.76 0.24
CA ILE A 441 25.56 -3.10 0.57
C ILE A 441 25.97 -3.18 2.02
N ARG A 442 26.69 -2.17 2.50
CA ARG A 442 27.07 -2.14 3.91
C ARG A 442 25.86 -2.08 4.82
N GLU A 443 24.72 -1.61 4.30
CA GLU A 443 23.55 -1.43 5.15
C GLU A 443 23.04 -2.76 5.70
N ASN A 444 23.06 -3.81 4.88
CA ASN A 444 22.57 -5.10 5.37
C ASN A 444 23.42 -5.61 6.52
N ILE A 445 24.73 -5.68 6.31
CA ILE A 445 25.62 -6.20 7.34
C ILE A 445 25.74 -5.24 8.52
N CYS A 446 25.26 -4.00 8.36
CA CYS A 446 25.21 -3.10 9.51
C CYS A 446 23.94 -3.30 10.33
N TYR A 447 22.77 -3.24 9.70
CA TYR A 447 21.52 -3.41 10.43
C TYR A 447 21.36 -4.82 10.96
N GLY A 448 22.10 -5.80 10.44
CA GLY A 448 22.01 -7.14 10.98
C GLY A 448 22.32 -7.18 12.47
N LEU A 449 23.29 -6.38 12.91
CA LEU A 449 23.72 -6.36 14.29
C LEU A 449 23.31 -5.05 14.95
N GLU A 450 23.69 -4.91 16.21
CA GLU A 450 23.49 -3.69 16.99
C GLU A 450 24.80 -3.03 17.38
N ARG A 451 25.82 -3.80 17.72
CA ARG A 451 27.13 -3.24 18.02
C ARG A 451 27.74 -2.62 16.79
N ASP A 452 28.57 -1.60 16.99
CA ASP A 452 29.29 -1.00 15.88
C ASP A 452 30.24 -2.02 15.27
N VAL A 453 30.44 -1.91 13.95
CA VAL A 453 31.21 -2.89 13.20
C VAL A 453 32.49 -2.37 12.55
N THR A 454 32.83 -1.11 12.77
CA THR A 454 33.96 -0.49 12.07
C THR A 454 33.90 -0.55 10.55
N ASP A 455 35.07 -0.61 9.91
CA ASP A 455 35.10 -0.56 8.45
C ASP A 455 36.01 -1.77 8.31
N ALA A 456 37.00 -1.92 9.19
CA ALA A 456 37.94 -3.03 9.06
C ALA A 456 37.23 -4.37 9.20
N GLU A 457 36.30 -4.47 10.16
CA GLU A 457 35.57 -5.72 10.34
C GLU A 457 34.72 -6.05 9.12
N ILE A 458 34.06 -5.05 8.54
CA ILE A 458 33.26 -5.29 7.34
C ILE A 458 34.16 -5.75 6.19
N GLU A 459 35.32 -5.12 6.05
CA GLU A 459 36.25 -5.54 5.00
C GLU A 459 36.69 -6.98 5.20
N LYS A 460 37.01 -7.36 6.44
CA LYS A 460 37.42 -8.73 6.70
C LYS A 460 36.30 -9.70 6.39
N ALA A 461 35.07 -9.37 6.80
CA ALA A 461 33.94 -10.25 6.53
C ALA A 461 33.72 -10.41 5.04
N ALA A 462 33.78 -9.32 4.28
CA ALA A 462 33.60 -9.41 2.84
C ALA A 462 34.71 -10.25 2.20
N GLU A 463 35.96 -10.04 2.62
CA GLU A 463 37.06 -10.81 2.07
C GLU A 463 36.93 -12.29 2.39
N MET A 464 36.33 -12.61 3.54
CA MET A 464 36.11 -14.00 3.92
C MET A 464 34.98 -14.66 3.14
N ALA A 465 34.42 -13.97 2.15
CA ALA A 465 33.39 -14.56 1.30
C ALA A 465 33.68 -14.38 -0.19
N TYR A 466 34.91 -13.99 -0.55
CA TYR A 466 35.29 -13.78 -1.94
C TYR A 466 34.34 -12.79 -2.63
N ALA A 467 34.03 -11.71 -1.91
CA ALA A 467 33.18 -10.66 -2.44
C ALA A 467 33.83 -9.28 -2.43
N LEU A 468 35.03 -9.15 -1.85
CA LEU A 468 35.64 -7.83 -1.73
C LEU A 468 35.97 -7.22 -3.08
N ASN A 469 36.45 -8.03 -4.02
CA ASN A 469 36.89 -7.48 -5.30
C ASN A 469 35.74 -6.81 -6.05
N PHE A 470 34.62 -7.52 -6.19
CA PHE A 470 33.49 -6.97 -6.93
C PHE A 470 32.95 -5.71 -6.27
N ILE A 471 32.84 -5.71 -4.95
CA ILE A 471 32.36 -4.52 -4.27
C ILE A 471 33.34 -3.37 -4.46
N LYS A 472 34.65 -3.65 -4.45
CA LYS A 472 35.63 -2.62 -4.69
C LYS A 472 35.49 -2.04 -6.10
N GLU A 473 35.14 -2.88 -7.07
CA GLU A 473 34.91 -2.39 -8.42
C GLU A 473 33.77 -1.37 -8.45
N LEU A 474 32.70 -1.64 -7.70
CA LEU A 474 31.58 -0.71 -7.61
C LEU A 474 31.98 0.50 -6.78
N PRO A 475 31.08 1.47 -6.61
CA PRO A 475 31.43 2.68 -5.84
C PRO A 475 31.57 2.43 -4.34
N ASN A 476 32.37 1.43 -3.98
CA ASN A 476 32.92 1.27 -2.63
C ASN A 476 31.84 1.22 -1.55
N GLN A 477 30.92 0.27 -1.71
CA GLN A 477 30.15 -0.24 -0.58
C GLN A 477 29.11 0.71 0.00
N PHE A 478 29.10 1.97 -0.44
CA PHE A 478 28.09 2.87 0.11
C PHE A 478 27.32 3.57 -1.01
N ASP A 479 27.98 3.83 -2.13
CA ASP A 479 27.28 4.41 -3.27
C ASP A 479 26.41 3.38 -3.97
N THR A 480 26.77 2.10 -3.88
CA THR A 480 25.98 1.05 -4.50
C THR A 480 24.69 0.83 -3.73
N GLU A 481 23.58 0.79 -4.45
CA GLU A 481 22.28 0.48 -3.86
C GLU A 481 21.80 -0.84 -4.44
N VAL A 482 21.51 -1.81 -3.56
CA VAL A 482 21.11 -3.13 -4.03
C VAL A 482 19.71 -3.10 -4.65
N GLY A 483 18.95 -2.05 -4.43
CA GLY A 483 17.60 -1.96 -4.98
C GLY A 483 16.65 -2.89 -4.26
N GLU A 484 15.38 -2.79 -4.65
CA GLU A 484 14.36 -3.63 -4.04
C GLU A 484 14.58 -5.09 -4.41
N ARG A 485 14.46 -5.97 -3.41
CA ARG A 485 14.61 -7.41 -3.60
C ARG A 485 16.00 -7.78 -4.09
N GLY A 486 16.96 -6.87 -3.99
CA GLY A 486 18.31 -7.15 -4.45
C GLY A 486 18.36 -7.51 -5.91
N ILE A 487 17.93 -6.59 -6.77
CA ILE A 487 17.86 -6.84 -8.21
C ILE A 487 19.08 -6.25 -8.89
N MET A 488 19.56 -5.11 -8.39
CA MET A 488 20.70 -4.46 -9.02
C MET A 488 21.94 -5.33 -8.99
N LEU A 489 22.02 -6.25 -8.03
CA LEU A 489 23.15 -7.17 -7.96
C LEU A 489 22.83 -8.46 -8.70
N SER A 490 23.87 -9.25 -8.96
CA SER A 490 23.74 -10.47 -9.74
C SER A 490 23.07 -11.55 -8.90
N GLY A 491 23.02 -12.77 -9.44
CA GLY A 491 22.48 -13.89 -8.71
C GLY A 491 23.50 -14.58 -7.84
N GLY A 492 24.78 -14.29 -8.08
CA GLY A 492 25.84 -14.84 -7.26
C GLY A 492 26.35 -13.84 -6.25
N GLN A 493 26.38 -12.56 -6.66
CA GLN A 493 26.85 -11.52 -5.75
C GLN A 493 25.93 -11.41 -4.54
N ARG A 494 24.62 -11.54 -4.73
CA ARG A 494 23.72 -11.49 -3.59
C ARG A 494 23.93 -12.67 -2.65
N GLN A 495 24.19 -13.86 -3.21
CA GLN A 495 24.49 -15.00 -2.35
C GLN A 495 25.77 -14.76 -1.56
N ARG A 496 26.79 -14.20 -2.20
CA ARG A 496 28.02 -13.90 -1.48
C ARG A 496 27.79 -12.86 -0.39
N ILE A 497 26.92 -11.89 -0.66
CA ILE A 497 26.58 -10.89 0.35
C ILE A 497 25.88 -11.53 1.54
N ALA A 498 24.97 -12.47 1.27
CA ALA A 498 24.31 -13.18 2.36
C ALA A 498 25.32 -13.98 3.18
N ILE A 499 26.26 -14.65 2.50
CA ILE A 499 27.30 -15.39 3.21
C ILE A 499 28.12 -14.44 4.08
N ALA A 500 28.45 -13.26 3.55
CA ALA A 500 29.22 -12.29 4.32
C ALA A 500 28.44 -11.83 5.54
N ARG A 501 27.12 -11.60 5.39
CA ARG A 501 26.31 -11.23 6.54
C ARG A 501 26.34 -12.34 7.59
N ALA A 502 26.22 -13.59 7.15
CA ALA A 502 26.24 -14.69 8.11
C ALA A 502 27.58 -14.76 8.84
N LEU A 503 28.68 -14.58 8.12
CA LEU A 503 30.00 -14.69 8.74
C LEU A 503 30.30 -13.51 9.66
N LEU A 504 29.79 -12.32 9.33
CA LEU A 504 30.13 -11.13 10.11
C LEU A 504 29.62 -11.22 11.54
N ARG A 505 28.51 -11.94 11.77
CA ARG A 505 27.94 -12.02 13.10
C ARG A 505 28.82 -12.79 14.07
N ASN A 506 29.85 -13.49 13.58
CA ASN A 506 30.72 -14.29 14.42
C ASN A 506 29.90 -15.28 15.25
N PRO A 507 29.19 -16.19 14.60
CA PRO A 507 28.26 -17.07 15.31
C PRO A 507 28.93 -18.35 15.80
N SER A 508 28.40 -18.86 16.92
CA SER A 508 28.86 -20.12 17.45
C SER A 508 28.42 -21.29 16.59
N ILE A 509 27.19 -21.24 16.07
CA ILE A 509 26.65 -22.28 15.21
C ILE A 509 26.40 -21.65 13.85
N LEU A 510 27.00 -22.22 12.82
CA LEU A 510 26.86 -21.72 11.45
C LEU A 510 26.01 -22.72 10.66
N MET A 511 24.71 -22.48 10.62
CA MET A 511 23.78 -23.29 9.84
C MET A 511 23.72 -22.71 8.45
N LEU A 512 24.52 -23.26 7.54
CA LEU A 512 24.67 -22.73 6.19
C LEU A 512 23.79 -23.54 5.24
N ASP A 513 22.53 -23.15 5.15
CA ASP A 513 21.66 -23.69 4.12
C ASP A 513 22.31 -23.47 2.76
N ALA A 514 21.89 -24.27 1.77
CA ALA A 514 22.54 -24.27 0.46
C ALA A 514 22.80 -22.84 -0.01
N ALA A 515 24.08 -22.50 -0.16
CA ALA A 515 24.48 -21.16 -0.54
C ALA A 515 25.49 -21.10 -1.66
N THR A 516 26.12 -22.23 -2.02
CA THR A 516 27.03 -22.29 -3.16
C THR A 516 26.31 -22.73 -4.43
N SER A 517 25.01 -22.45 -4.52
CA SER A 517 24.23 -22.89 -5.68
C SER A 517 24.57 -22.06 -6.91
N SER A 518 24.37 -20.74 -6.83
CA SER A 518 24.64 -19.86 -7.96
C SER A 518 26.11 -19.47 -8.06
N LEU A 519 26.94 -19.87 -7.11
CA LEU A 519 28.35 -19.55 -7.17
C LEU A 519 29.07 -20.39 -8.21
N ASP A 520 30.18 -19.85 -8.73
CA ASP A 520 30.99 -20.57 -9.70
C ASP A 520 32.02 -21.46 -8.99
N SER A 521 32.75 -22.23 -9.80
CA SER A 521 33.68 -23.20 -9.23
C SER A 521 34.78 -22.52 -8.43
N GLN A 522 35.39 -21.46 -8.97
CA GLN A 522 36.46 -20.79 -8.26
C GLN A 522 35.93 -20.05 -7.03
N SER A 523 34.80 -19.35 -7.18
CA SER A 523 34.18 -18.70 -6.03
C SER A 523 33.76 -19.74 -5.00
N GLU A 524 33.24 -20.88 -5.46
CA GLU A 524 32.91 -21.95 -4.54
C GLU A 524 34.13 -22.40 -3.76
N LYS A 525 35.27 -22.56 -4.44
CA LYS A 525 36.49 -23.00 -3.76
C LYS A 525 36.94 -21.98 -2.72
N SER A 526 36.93 -20.70 -3.08
CA SER A 526 37.39 -19.67 -2.14
C SER A 526 36.46 -19.61 -0.93
N VAL A 527 35.16 -19.58 -1.16
CA VAL A 527 34.21 -19.52 -0.06
C VAL A 527 34.30 -20.77 0.79
N GLN A 528 34.56 -21.93 0.18
CA GLN A 528 34.71 -23.16 0.94
C GLN A 528 35.95 -23.12 1.82
N GLN A 529 37.05 -22.56 1.32
CA GLN A 529 38.24 -22.43 2.16
C GLN A 529 37.97 -21.52 3.35
N ALA A 530 37.31 -20.38 3.12
CA ALA A 530 36.98 -19.50 4.23
C ALA A 530 36.06 -20.19 5.24
N LEU A 531 35.05 -20.91 4.73
CA LEU A 531 34.14 -21.61 5.61
C LEU A 531 34.83 -22.75 6.35
N GLU A 532 35.86 -23.33 5.76
CA GLU A 532 36.65 -24.35 6.47
C GLU A 532 37.46 -23.73 7.59
N VAL A 533 38.00 -22.53 7.35
CA VAL A 533 38.67 -21.82 8.44
C VAL A 533 37.70 -21.58 9.59
N LEU A 534 36.49 -21.10 9.26
CA LEU A 534 35.49 -20.89 10.31
C LEU A 534 35.07 -22.19 10.97
N MET A 535 34.97 -23.28 10.22
CA MET A 535 34.67 -24.58 10.81
C MET A 535 35.74 -24.98 11.81
N GLU A 536 37.01 -24.78 11.45
CA GLU A 536 38.07 -24.90 12.45
C GLU A 536 37.79 -23.99 13.63
N GLY A 537 37.13 -22.86 13.39
CA GLY A 537 36.67 -22.01 14.47
C GLY A 537 35.69 -22.70 15.41
N ARG A 538 34.49 -23.00 14.93
CA ARG A 538 33.45 -23.59 15.76
C ARG A 538 32.59 -24.50 14.89
N THR A 539 31.41 -24.86 15.40
CA THR A 539 30.52 -25.79 14.72
C THR A 539 29.97 -25.18 13.43
N THR A 540 29.49 -26.06 12.55
CA THR A 540 28.91 -25.63 11.29
C THR A 540 27.99 -26.71 10.75
N ILE A 541 26.85 -26.29 10.20
CA ILE A 541 25.89 -27.19 9.57
C ILE A 541 25.63 -26.67 8.16
N VAL A 542 25.74 -27.55 7.16
CA VAL A 542 25.61 -27.18 5.76
C VAL A 542 24.63 -28.11 5.08
N ILE A 543 23.77 -27.55 4.25
CA ILE A 543 22.88 -28.30 3.38
C ILE A 543 23.41 -28.18 1.95
N ALA A 544 23.83 -29.30 1.37
CA ALA A 544 24.48 -29.29 0.07
C ALA A 544 23.66 -30.13 -0.90
N HIS A 545 23.33 -29.54 -2.05
CA HIS A 545 22.67 -30.30 -3.10
C HIS A 545 23.65 -31.25 -3.78
N ARG A 546 24.91 -30.85 -3.89
CA ARG A 546 25.93 -31.64 -4.54
C ARG A 546 26.85 -32.27 -3.49
N LEU A 547 27.09 -33.57 -3.64
CA LEU A 547 27.93 -34.29 -2.68
C LEU A 547 29.41 -33.91 -2.78
N SER A 548 29.83 -33.34 -3.91
CA SER A 548 31.24 -33.02 -4.08
C SER A 548 31.72 -32.00 -3.07
N THR A 549 30.82 -31.14 -2.58
CA THR A 549 31.21 -30.08 -1.65
C THR A 549 31.19 -30.52 -0.19
N VAL A 550 30.72 -31.72 0.10
CA VAL A 550 30.64 -32.18 1.49
C VAL A 550 31.32 -33.54 1.62
N VAL A 551 32.17 -33.88 0.65
CA VAL A 551 32.86 -35.17 0.72
C VAL A 551 33.77 -35.23 1.94
N ASP A 552 34.28 -34.09 2.39
CA ASP A 552 35.18 -34.02 3.53
C ASP A 552 34.45 -33.68 4.83
N ALA A 553 33.18 -34.06 4.92
CA ALA A 553 32.39 -33.81 6.12
C ALA A 553 32.63 -34.90 7.15
N ASP A 554 31.82 -34.90 8.20
CA ASP A 554 31.97 -35.86 9.30
C ASP A 554 30.71 -36.64 9.60
N GLN A 555 29.52 -36.05 9.47
CA GLN A 555 28.28 -36.69 9.88
C GLN A 555 27.22 -36.54 8.79
N LEU A 556 27.59 -36.88 7.56
CA LEU A 556 26.65 -36.82 6.44
C LEU A 556 25.34 -37.49 6.80
N LEU A 557 24.26 -36.70 6.79
CA LEU A 557 22.92 -37.21 7.02
C LEU A 557 22.15 -37.23 5.70
N PHE A 558 21.20 -38.16 5.61
CA PHE A 558 20.39 -38.32 4.41
C PHE A 558 18.92 -38.19 4.81
N VAL A 559 18.34 -37.01 4.56
CA VAL A 559 16.95 -36.74 4.92
C VAL A 559 16.07 -37.04 3.70
N GLU A 560 15.22 -38.05 3.84
CA GLU A 560 14.29 -38.45 2.78
C GLU A 560 12.89 -38.51 3.36
N LYS A 561 11.99 -37.70 2.82
CA LYS A 561 10.58 -37.67 3.22
C LYS A 561 10.42 -37.41 4.71
N GLY A 562 11.39 -36.76 5.34
CA GLY A 562 11.32 -36.43 6.75
C GLY A 562 11.98 -37.42 7.68
N GLU A 563 12.59 -38.48 7.15
CA GLU A 563 13.27 -39.48 7.97
C GLU A 563 14.69 -39.65 7.47
N ILE A 564 15.65 -39.57 8.39
CA ILE A 564 17.07 -39.68 8.03
C ILE A 564 17.42 -41.16 7.96
N THR A 565 17.60 -41.66 6.73
CA THR A 565 17.96 -43.06 6.55
C THR A 565 19.43 -43.30 6.83
N GLY A 566 20.30 -42.65 6.07
CA GLY A 566 21.74 -42.77 6.27
C GLY A 566 22.25 -41.76 7.26
N ARG A 567 23.02 -42.24 8.24
CA ARG A 567 23.56 -41.40 9.31
C ARG A 567 24.97 -41.88 9.62
N GLY A 568 25.95 -41.26 8.99
CA GLY A 568 27.34 -41.64 9.20
C GLY A 568 28.25 -40.85 8.30
N THR A 569 29.53 -41.21 8.34
CA THR A 569 30.52 -40.54 7.53
C THR A 569 30.30 -40.84 6.05
N HIS A 570 31.00 -40.09 5.20
CA HIS A 570 30.80 -40.21 3.76
C HIS A 570 31.07 -41.62 3.27
N HIS A 571 32.26 -42.16 3.60
CA HIS A 571 32.64 -43.48 3.11
C HIS A 571 31.71 -44.55 3.65
N GLU A 572 31.49 -44.56 4.97
CA GLU A 572 30.62 -45.55 5.57
C GLU A 572 29.18 -45.38 5.08
N LEU A 573 28.72 -44.14 4.90
CA LEU A 573 27.37 -43.93 4.39
C LEU A 573 27.22 -44.52 2.99
N MET A 574 28.21 -44.26 2.13
CA MET A 574 28.14 -44.81 0.77
C MET A 574 28.19 -46.34 0.79
N ALA A 575 29.05 -46.91 1.63
CA ALA A 575 29.19 -48.36 1.68
C ALA A 575 28.02 -49.03 2.37
N SER A 576 27.21 -48.27 3.12
CA SER A 576 26.09 -48.83 3.87
C SER A 576 24.74 -48.54 3.24
N HIS A 577 24.51 -47.30 2.80
CA HIS A 577 23.21 -46.96 2.24
C HIS A 577 23.00 -47.70 0.91
N GLY A 578 21.72 -47.87 0.56
CA GLY A 578 21.37 -48.68 -0.58
C GLY A 578 21.24 -47.94 -1.89
N LEU A 579 20.00 -47.88 -2.42
CA LEU A 579 19.79 -47.35 -3.76
C LEU A 579 20.34 -45.93 -3.90
N TYR A 580 20.21 -45.12 -2.85
CA TYR A 580 20.63 -43.72 -2.95
C TYR A 580 22.14 -43.55 -3.04
N ARG A 581 22.90 -44.64 -3.09
CA ARG A 581 24.30 -44.53 -3.47
C ARG A 581 24.43 -44.02 -4.90
N ASP A 582 23.37 -44.16 -5.70
CA ASP A 582 23.38 -43.64 -7.06
C ASP A 582 23.62 -42.14 -7.09
N PHE A 583 23.22 -41.44 -6.02
CA PHE A 583 23.47 -40.01 -5.92
C PHE A 583 24.97 -39.72 -6.09
N ALA A 584 25.80 -40.41 -5.31
CA ALA A 584 27.24 -40.25 -5.45
C ALA A 584 27.70 -40.71 -6.83
N GLU A 585 27.21 -41.86 -7.29
CA GLU A 585 27.57 -42.35 -8.61
C GLU A 585 27.06 -41.39 -9.69
N GLN A 586 25.85 -40.86 -9.52
CA GLN A 586 25.34 -39.88 -10.47
C GLN A 586 26.22 -38.65 -10.49
N GLN A 587 26.67 -38.18 -9.32
CA GLN A 587 27.63 -37.09 -9.27
C GLN A 587 28.98 -37.49 -9.85
N LEU A 588 29.23 -38.78 -10.00
CA LEU A 588 30.48 -39.26 -10.58
C LEU A 588 30.44 -39.21 -12.10
N LYS B 19 5.14 26.72 -15.89
CA LYS B 19 3.89 26.74 -16.66
C LYS B 19 2.68 26.85 -15.73
N SER B 20 1.78 25.88 -15.83
CA SER B 20 0.57 25.85 -15.03
C SER B 20 0.25 24.42 -14.65
N LYS B 21 -0.60 24.27 -13.63
CA LYS B 21 -1.00 22.97 -13.13
C LYS B 21 -2.49 22.68 -13.32
N LEU B 22 -3.34 23.70 -13.22
CA LEU B 22 -4.77 23.49 -13.38
C LEU B 22 -5.08 22.85 -14.72
N LYS B 23 -4.42 23.30 -15.78
CA LYS B 23 -4.66 22.72 -17.09
C LYS B 23 -4.34 21.23 -17.13
N PRO B 24 -3.14 20.79 -16.73
CA PRO B 24 -2.87 19.34 -16.70
C PRO B 24 -3.83 18.57 -15.79
N PHE B 25 -4.19 19.14 -14.64
CA PHE B 25 -5.07 18.42 -13.73
C PHE B 25 -6.44 18.22 -14.34
N PHE B 26 -7.02 19.27 -14.92
CA PHE B 26 -8.32 19.13 -15.55
C PHE B 26 -8.23 18.25 -16.80
N ALA B 27 -7.10 18.27 -17.50
CA ALA B 27 -6.93 17.36 -18.62
C ALA B 27 -6.97 15.91 -18.15
N LEU B 28 -6.29 15.61 -17.04
CA LEU B 28 -6.34 14.26 -16.50
C LEU B 28 -7.75 13.87 -16.09
N VAL B 29 -8.44 14.77 -15.38
CA VAL B 29 -9.80 14.46 -14.96
C VAL B 29 -10.68 14.18 -16.17
N ARG B 30 -10.56 14.99 -17.22
CA ARG B 30 -11.31 14.74 -18.44
C ARG B 30 -10.94 13.39 -19.04
N ARG B 31 -9.65 13.04 -19.03
CA ARG B 31 -9.23 11.75 -19.55
C ARG B 31 -9.87 10.61 -18.77
N THR B 32 -10.18 10.83 -17.49
CA THR B 32 -10.83 9.78 -16.72
C THR B 32 -12.20 9.42 -17.26
N ASN B 33 -12.79 10.25 -18.12
CA ASN B 33 -14.11 9.99 -18.66
C ASN B 33 -15.14 9.90 -17.53
N PRO B 34 -15.44 11.01 -16.87
CA PRO B 34 -16.34 10.97 -15.71
C PRO B 34 -17.79 11.09 -16.14
N SER B 35 -18.68 11.10 -15.16
CA SER B 35 -20.10 11.32 -15.38
C SER B 35 -20.31 12.81 -15.65
N TYR B 36 -19.90 13.24 -16.84
CA TYR B 36 -19.90 14.66 -17.17
C TYR B 36 -21.32 15.23 -17.14
N GLY B 37 -22.23 14.62 -17.91
CA GLY B 37 -23.59 15.11 -17.94
C GLY B 37 -24.31 14.95 -16.62
N LYS B 38 -24.08 13.83 -15.93
CA LYS B 38 -24.73 13.61 -14.65
C LYS B 38 -24.28 14.65 -13.62
N LEU B 39 -22.98 14.94 -13.58
CA LEU B 39 -22.48 15.95 -12.67
C LEU B 39 -23.02 17.33 -13.03
N ALA B 40 -23.13 17.64 -14.32
CA ALA B 40 -23.72 18.92 -14.71
C ALA B 40 -25.17 19.01 -14.25
N PHE B 41 -25.92 17.92 -14.40
CA PHE B 41 -27.32 17.92 -13.98
C PHE B 41 -27.42 18.10 -12.47
N ALA B 42 -26.54 17.43 -11.70
CA ALA B 42 -26.54 17.61 -10.26
C ALA B 42 -26.21 19.04 -9.88
N LEU B 43 -25.24 19.65 -10.58
CA LEU B 43 -24.89 21.03 -10.32
C LEU B 43 -26.07 21.95 -10.59
N ALA B 44 -26.80 21.70 -11.68
CA ALA B 44 -27.99 22.50 -11.98
C ALA B 44 -29.04 22.35 -10.87
N LEU B 45 -29.27 21.12 -10.42
CA LEU B 45 -30.22 20.92 -9.33
C LEU B 45 -29.81 21.70 -8.09
N SER B 46 -28.52 21.60 -7.72
CA SER B 46 -28.05 22.29 -6.53
C SER B 46 -28.19 23.80 -6.68
N VAL B 47 -27.85 24.33 -7.86
CA VAL B 47 -27.94 25.77 -8.08
C VAL B 47 -29.38 26.25 -7.95
N VAL B 48 -30.31 25.54 -8.59
CA VAL B 48 -31.70 25.96 -8.54
C VAL B 48 -32.23 25.89 -7.11
N THR B 49 -31.95 24.79 -6.40
CA THR B 49 -32.45 24.67 -5.04
C THR B 49 -31.85 25.74 -4.14
N THR B 50 -30.55 26.01 -4.27
CA THR B 50 -29.93 27.02 -3.43
C THR B 50 -30.48 28.41 -3.73
N LEU B 51 -30.70 28.73 -5.01
CA LEU B 51 -31.27 30.03 -5.33
C LEU B 51 -32.67 30.18 -4.75
N VAL B 52 -33.50 29.15 -4.88
CA VAL B 52 -34.85 29.21 -4.34
C VAL B 52 -34.80 29.36 -2.83
N SER B 53 -33.96 28.58 -2.16
CA SER B 53 -33.86 28.65 -0.70
C SER B 53 -33.29 29.98 -0.22
N LEU B 54 -32.42 30.62 -1.00
CA LEU B 54 -31.93 31.95 -0.64
C LEU B 54 -33.02 33.00 -0.81
N LEU B 55 -33.80 32.91 -1.90
CA LEU B 55 -34.81 33.93 -2.14
C LEU B 55 -36.01 33.78 -1.22
N ILE B 56 -36.30 32.56 -0.75
CA ILE B 56 -37.50 32.34 0.06
C ILE B 56 -37.49 33.17 1.34
N PRO B 57 -36.44 33.14 2.18
CA PRO B 57 -36.48 33.88 3.44
C PRO B 57 -36.63 35.39 3.25
N LEU B 58 -36.21 35.94 2.12
CA LEU B 58 -36.30 37.38 1.91
C LEU B 58 -37.75 37.84 1.95
N LEU B 59 -38.65 37.08 1.33
CA LEU B 59 -40.06 37.44 1.28
C LEU B 59 -40.77 36.94 2.54
N THR B 60 -40.48 37.61 3.65
CA THR B 60 -41.08 37.26 4.93
C THR B 60 -42.57 37.60 4.98
N LYS B 61 -43.00 38.63 4.24
CA LYS B 61 -44.43 38.92 4.16
C LYS B 61 -45.20 37.76 3.56
N GLN B 62 -44.64 37.15 2.51
CA GLN B 62 -45.24 35.95 1.96
C GLN B 62 -45.31 34.85 3.00
N LEU B 63 -44.26 34.72 3.81
CA LEU B 63 -44.25 33.70 4.87
C LEU B 63 -45.37 33.94 5.87
N VAL B 64 -45.55 35.19 6.29
CA VAL B 64 -46.58 35.48 7.29
C VAL B 64 -47.97 35.27 6.71
N ASP B 65 -48.20 35.71 5.47
CA ASP B 65 -49.51 35.49 4.87
C ASP B 65 -49.78 34.01 4.64
N GLY B 66 -48.76 33.24 4.31
CA GLY B 66 -48.94 31.79 4.20
C GLY B 66 -49.23 31.15 5.53
N PHE B 67 -48.61 31.64 6.60
CA PHE B 67 -48.93 31.15 7.95
C PHE B 67 -50.38 31.42 8.27
N SER B 68 -50.86 32.64 7.97
CA SER B 68 -52.26 32.97 8.22
C SER B 68 -53.19 32.08 7.40
N MET B 69 -52.86 31.85 6.12
CA MET B 69 -53.68 31.00 5.28
C MET B 69 -53.72 29.57 5.80
N SER B 70 -52.58 29.04 6.24
CA SER B 70 -52.55 27.71 6.83
C SER B 70 -53.40 27.65 8.09
N ASN B 71 -53.33 28.70 8.92
CA ASN B 71 -54.24 28.78 10.06
C ASN B 71 -55.69 28.74 9.59
N LEU B 72 -55.97 29.33 8.44
CA LEU B 72 -57.32 29.30 7.87
C LEU B 72 -57.55 28.06 7.02
N SER B 73 -56.73 27.85 6.00
CA SER B 73 -56.90 26.72 5.10
C SER B 73 -56.67 25.41 5.83
N GLY B 74 -57.46 24.40 5.45
CA GLY B 74 -57.37 23.09 6.08
C GLY B 74 -56.39 22.13 5.44
N THR B 75 -56.52 21.92 4.13
CA THR B 75 -55.69 20.95 3.42
C THR B 75 -54.43 21.62 2.85
N GLN B 76 -53.68 22.29 3.70
CA GLN B 76 -52.42 22.91 3.30
C GLN B 76 -51.20 22.22 3.90
N ILE B 77 -51.39 21.36 4.90
CA ILE B 77 -50.26 20.60 5.44
C ILE B 77 -49.68 19.69 4.38
N GLY B 78 -50.54 19.05 3.59
CA GLY B 78 -50.05 18.12 2.58
C GLY B 78 -49.13 18.78 1.57
N LEU B 79 -49.48 19.97 1.11
CA LEU B 79 -48.66 20.65 0.12
C LEU B 79 -47.27 20.96 0.66
N ILE B 80 -47.21 21.54 1.86
CA ILE B 80 -45.91 21.89 2.45
C ILE B 80 -45.10 20.64 2.70
N ALA B 81 -45.74 19.59 3.23
CA ALA B 81 -45.02 18.36 3.51
C ALA B 81 -44.45 17.75 2.24
N LEU B 82 -45.25 17.72 1.16
CA LEU B 82 -44.77 17.18 -0.10
C LEU B 82 -43.62 18.01 -0.65
N VAL B 83 -43.72 19.34 -0.55
CA VAL B 83 -42.64 20.18 -1.06
C VAL B 83 -41.36 19.94 -0.28
N PHE B 84 -41.46 19.82 1.04
CA PHE B 84 -40.26 19.61 1.85
C PHE B 84 -39.66 18.23 1.58
N PHE B 85 -40.50 17.21 1.43
CA PHE B 85 -39.99 15.88 1.09
C PHE B 85 -39.31 15.90 -0.27
N VAL B 86 -39.88 16.60 -1.24
CA VAL B 86 -39.27 16.68 -2.56
C VAL B 86 -37.95 17.41 -2.50
N GLN B 87 -37.87 18.48 -1.71
CA GLN B 87 -36.60 19.20 -1.56
C GLN B 87 -35.54 18.32 -0.92
N ALA B 88 -35.91 17.59 0.12
CA ALA B 88 -34.97 16.66 0.74
C ALA B 88 -34.51 15.60 -0.24
N GLY B 89 -35.44 15.05 -1.03
CA GLY B 89 -35.07 14.07 -2.02
C GLY B 89 -34.14 14.62 -3.07
N LEU B 90 -34.38 15.86 -3.51
CA LEU B 90 -33.50 16.48 -4.49
C LEU B 90 -32.10 16.68 -3.93
N SER B 91 -32.01 17.15 -2.69
CA SER B 91 -30.68 17.32 -2.09
C SER B 91 -29.97 15.98 -1.95
N ALA B 92 -30.71 14.95 -1.52
CA ALA B 92 -30.09 13.63 -1.38
C ALA B 92 -29.63 13.10 -2.72
N TYR B 93 -30.43 13.28 -3.77
CA TYR B 93 -30.03 12.80 -5.08
C TYR B 93 -28.84 13.57 -5.62
N ALA B 94 -28.78 14.88 -5.34
CA ALA B 94 -27.61 15.64 -5.76
C ALA B 94 -26.35 15.13 -5.08
N THR B 95 -26.43 14.88 -3.77
CA THR B 95 -25.26 14.33 -3.08
C THR B 95 -24.88 12.96 -3.62
N TYR B 96 -25.88 12.12 -3.89
CA TYR B 96 -25.59 10.80 -4.43
C TYR B 96 -24.93 10.90 -5.80
N ALA B 97 -25.42 11.81 -6.65
CA ALA B 97 -24.81 11.99 -7.96
C ALA B 97 -23.38 12.47 -7.85
N LEU B 98 -23.11 13.40 -6.93
CA LEU B 98 -21.75 13.87 -6.76
C LEU B 98 -20.84 12.75 -6.30
N ASN B 99 -21.29 11.94 -5.33
CA ASN B 99 -20.47 10.83 -4.86
C ASN B 99 -20.23 9.82 -5.97
N TYR B 100 -21.25 9.51 -6.76
CA TYR B 100 -21.09 8.56 -7.85
C TYR B 100 -20.10 9.09 -8.87
N ASN B 101 -20.18 10.37 -9.22
CA ASN B 101 -19.24 10.94 -10.16
C ASN B 101 -17.82 10.90 -9.62
N GLY B 102 -17.64 11.22 -8.34
CA GLY B 102 -16.32 11.14 -7.76
C GLY B 102 -15.76 9.73 -7.79
N GLN B 103 -16.60 8.75 -7.46
CA GLN B 103 -16.15 7.36 -7.49
C GLN B 103 -15.76 6.94 -8.90
N LYS B 104 -16.56 7.33 -9.90
CA LYS B 104 -16.20 6.99 -11.28
C LYS B 104 -14.90 7.67 -11.68
N ILE B 105 -14.69 8.91 -11.25
CA ILE B 105 -13.46 9.61 -11.58
C ILE B 105 -12.26 8.88 -11.00
N ILE B 106 -12.34 8.49 -9.72
CA ILE B 106 -11.21 7.80 -9.13
C ILE B 106 -11.01 6.43 -9.78
N SER B 107 -12.09 5.75 -10.13
CA SER B 107 -11.94 4.47 -10.82
C SER B 107 -11.24 4.63 -12.16
N GLY B 108 -11.61 5.66 -12.92
CA GLY B 108 -10.93 5.92 -14.18
C GLY B 108 -9.46 6.24 -13.98
N LEU B 109 -9.15 7.05 -12.97
CA LEU B 109 -7.75 7.36 -12.67
C LEU B 109 -6.99 6.08 -12.35
N ARG B 110 -7.56 5.23 -11.51
CA ARG B 110 -6.87 3.99 -11.14
C ARG B 110 -6.67 3.11 -12.36
N GLU B 111 -7.68 2.99 -13.22
CA GLU B 111 -7.55 2.15 -14.40
C GLU B 111 -6.43 2.66 -15.32
N LEU B 112 -6.45 3.96 -15.61
CA LEU B 112 -5.42 4.52 -16.49
C LEU B 112 -4.03 4.34 -15.89
N LEU B 113 -3.89 4.64 -14.61
CA LEU B 113 -2.58 4.52 -13.97
C LEU B 113 -2.11 3.08 -13.97
N TRP B 114 -3.01 2.13 -13.69
CA TRP B 114 -2.63 0.73 -13.66
C TRP B 114 -2.18 0.26 -15.04
N LYS B 115 -2.93 0.64 -16.08
CA LYS B 115 -2.53 0.26 -17.44
C LYS B 115 -1.15 0.82 -17.77
N LYS B 116 -0.94 2.12 -17.52
CA LYS B 116 0.34 2.72 -17.85
C LYS B 116 1.46 2.05 -17.06
N LEU B 117 1.24 1.78 -15.78
CA LEU B 117 2.28 1.13 -14.98
C LEU B 117 2.62 -0.23 -15.53
N ILE B 118 1.60 -1.04 -15.86
CA ILE B 118 1.86 -2.40 -16.33
C ILE B 118 2.47 -2.42 -17.72
N LYS B 119 2.33 -1.35 -18.50
CA LYS B 119 2.88 -1.32 -19.84
C LYS B 119 4.23 -0.61 -19.94
N LEU B 120 4.82 -0.17 -18.82
CA LEU B 120 6.09 0.53 -18.87
C LEU B 120 7.24 -0.44 -19.11
N PRO B 121 8.36 0.06 -19.61
CA PRO B 121 9.53 -0.81 -19.83
C PRO B 121 10.18 -1.19 -18.51
N VAL B 122 11.01 -2.24 -18.57
CA VAL B 122 11.61 -2.76 -17.36
C VAL B 122 12.54 -1.76 -16.71
N SER B 123 13.15 -0.87 -17.50
CA SER B 123 14.12 0.06 -16.95
C SER B 123 13.48 0.99 -15.93
N TYR B 124 12.26 1.47 -16.21
CA TYR B 124 11.59 2.37 -15.27
C TYR B 124 11.41 1.69 -13.91
N PHE B 125 10.96 0.44 -13.91
CA PHE B 125 10.78 -0.28 -12.67
C PHE B 125 12.12 -0.57 -11.99
N ASP B 126 13.15 -0.88 -12.77
CA ASP B 126 14.47 -1.08 -12.20
C ASP B 126 14.94 0.16 -11.46
N THR B 127 14.63 1.34 -12.00
CA THR B 127 15.17 2.57 -11.42
C THR B 127 14.29 3.12 -10.30
N ASN B 128 12.98 2.88 -10.33
CA ASN B 128 12.09 3.63 -9.45
C ASN B 128 11.65 2.22 -9.05
N ALA B 129 11.38 1.96 -7.77
CA ALA B 129 10.88 0.65 -7.37
C ALA B 129 9.37 0.58 -7.56
N SER B 130 8.75 -0.48 -7.04
CA SER B 130 7.34 -0.73 -7.33
C SER B 130 6.38 -0.42 -6.19
N GLY B 131 6.90 -0.27 -4.96
CA GLY B 131 6.02 -0.11 -3.81
C GLY B 131 5.65 1.36 -3.80
N GLU B 132 6.61 2.22 -4.11
CA GLU B 132 6.31 3.64 -4.19
C GLU B 132 5.24 3.91 -5.24
N THR B 133 5.31 3.24 -6.39
CA THR B 133 4.32 3.46 -7.43
C THR B 133 2.93 3.01 -6.99
N VAL B 134 2.84 1.87 -6.31
CA VAL B 134 1.53 1.39 -5.86
C VAL B 134 0.95 2.34 -4.82
N SER B 135 1.78 2.82 -3.89
CA SER B 135 1.31 3.82 -2.95
C SER B 135 0.83 5.06 -3.69
N ARG B 136 1.58 5.49 -4.69
CA ARG B 136 1.16 6.61 -5.53
C ARG B 136 -0.26 6.39 -6.03
N VAL B 137 -0.46 5.32 -6.80
CA VAL B 137 -1.78 5.10 -7.39
C VAL B 137 -2.86 5.15 -6.32
N THR B 138 -2.76 4.28 -5.31
CA THR B 138 -3.86 4.15 -4.35
C THR B 138 -4.13 5.46 -3.62
N ASN B 139 -3.09 6.06 -3.02
CA ASN B 139 -3.33 7.21 -2.16
C ASN B 139 -3.66 8.47 -2.94
N ASP B 140 -3.03 8.71 -4.09
CA ASP B 140 -3.42 9.85 -4.90
C ASP B 140 -4.87 9.73 -5.37
N THR B 141 -5.28 8.53 -5.79
CA THR B 141 -6.66 8.35 -6.17
C THR B 141 -7.58 8.65 -4.98
N MET B 142 -7.22 8.19 -3.80
CA MET B 142 -8.05 8.44 -2.62
C MET B 142 -8.19 9.93 -2.34
N VAL B 143 -7.08 10.67 -2.43
CA VAL B 143 -7.15 12.10 -2.12
C VAL B 143 -7.98 12.84 -3.16
N VAL B 144 -7.83 12.49 -4.44
CA VAL B 144 -8.66 13.12 -5.46
C VAL B 144 -10.13 12.82 -5.19
N LYS B 145 -10.44 11.59 -4.80
CA LYS B 145 -11.82 11.26 -4.45
C LYS B 145 -12.32 12.15 -3.31
N GLU B 146 -11.50 12.33 -2.29
CA GLU B 146 -11.92 13.18 -1.18
C GLU B 146 -12.22 14.60 -1.64
N LEU B 147 -11.38 15.14 -2.53
CA LEU B 147 -11.61 16.49 -3.02
C LEU B 147 -12.90 16.58 -3.84
N ILE B 148 -13.16 15.59 -4.69
CA ILE B 148 -14.15 15.75 -5.74
C ILE B 148 -15.57 15.83 -5.18
N THR B 149 -15.86 15.07 -4.13
CA THR B 149 -17.26 14.84 -3.77
C THR B 149 -17.90 16.06 -3.14
N THR B 150 -17.40 16.51 -1.98
CA THR B 150 -18.12 17.52 -1.21
C THR B 150 -17.71 18.93 -1.59
N HIS B 151 -16.40 19.21 -1.59
CA HIS B 151 -15.95 20.57 -1.72
C HIS B 151 -16.35 21.21 -3.04
N ILE B 152 -16.56 20.42 -4.10
CA ILE B 152 -17.07 21.00 -5.34
C ILE B 152 -18.49 21.53 -5.14
N SER B 153 -19.33 20.75 -4.46
CA SER B 153 -20.67 21.23 -4.14
C SER B 153 -20.61 22.46 -3.25
N GLY B 154 -19.72 22.43 -2.25
CA GLY B 154 -19.55 23.60 -1.41
C GLY B 154 -19.18 24.83 -2.21
N PHE B 155 -18.21 24.69 -3.12
CA PHE B 155 -17.78 25.83 -3.92
C PHE B 155 -18.90 26.34 -4.82
N ILE B 156 -19.65 25.43 -5.45
CA ILE B 156 -20.72 25.89 -6.33
C ILE B 156 -21.79 26.63 -5.54
N THR B 157 -22.21 26.07 -4.40
CA THR B 157 -23.22 26.76 -3.59
C THR B 157 -22.69 28.10 -3.11
N GLY B 158 -21.44 28.15 -2.68
CA GLY B 158 -20.87 29.40 -2.21
C GLY B 158 -20.81 30.45 -3.30
N ILE B 159 -20.39 30.05 -4.50
CA ILE B 159 -20.31 31.01 -5.60
C ILE B 159 -21.68 31.53 -5.95
N ILE B 160 -22.69 30.65 -5.99
CA ILE B 160 -24.04 31.11 -6.32
C ILE B 160 -24.54 32.08 -5.26
N SER B 161 -24.38 31.72 -3.98
CA SER B 161 -24.87 32.58 -2.91
C SER B 161 -24.15 33.92 -2.92
N VAL B 162 -22.83 33.92 -3.12
CA VAL B 162 -22.08 35.15 -3.13
C VAL B 162 -22.51 36.03 -4.30
N ILE B 163 -22.69 35.44 -5.48
CA ILE B 163 -23.10 36.24 -6.63
C ILE B 163 -24.48 36.85 -6.38
N GLY B 164 -25.42 36.05 -5.88
CA GLY B 164 -26.75 36.58 -5.63
C GLY B 164 -26.76 37.69 -4.60
N SER B 165 -26.04 37.49 -3.49
CA SER B 165 -25.98 38.52 -2.47
C SER B 165 -25.28 39.77 -2.98
N LEU B 166 -24.25 39.60 -3.82
CA LEU B 166 -23.58 40.76 -4.38
C LEU B 166 -24.53 41.56 -5.28
N THR B 167 -25.33 40.86 -6.10
CA THR B 167 -26.31 41.57 -6.91
C THR B 167 -27.32 42.30 -6.04
N ILE B 168 -27.78 41.65 -4.96
CA ILE B 168 -28.74 42.30 -4.06
C ILE B 168 -28.13 43.55 -3.45
N LEU B 169 -26.88 43.45 -3.00
CA LEU B 169 -26.21 44.59 -2.39
C LEU B 169 -26.00 45.72 -3.40
N PHE B 170 -25.63 45.38 -4.63
CA PHE B 170 -25.53 46.37 -5.69
C PHE B 170 -26.87 47.07 -5.89
N ILE B 171 -27.96 46.29 -5.91
CA ILE B 171 -29.29 46.87 -6.06
C ILE B 171 -29.56 47.87 -4.93
N MET B 172 -29.25 47.46 -3.70
CA MET B 172 -29.44 48.38 -2.58
C MET B 172 -28.54 49.61 -2.69
N ASN B 173 -27.30 49.43 -3.11
CA ASN B 173 -26.38 50.55 -3.27
C ASN B 173 -25.40 50.24 -4.40
N TRP B 174 -25.10 51.25 -5.21
CA TRP B 174 -24.15 51.11 -6.30
C TRP B 174 -22.72 51.43 -5.86
N LYS B 175 -22.53 52.06 -4.71
CA LYS B 175 -21.21 52.51 -4.26
C LYS B 175 -20.53 51.52 -3.33
N LEU B 176 -21.21 51.07 -2.27
CA LEU B 176 -20.55 50.25 -1.27
C LEU B 176 -20.00 48.95 -1.84
N THR B 177 -20.60 48.43 -2.91
CA THR B 177 -20.08 47.21 -3.52
C THR B 177 -18.66 47.38 -4.04
N LEU B 178 -18.25 48.62 -4.33
CA LEU B 178 -16.87 48.85 -4.75
C LEU B 178 -15.89 48.38 -3.69
N LEU B 179 -16.23 48.59 -2.41
CA LEU B 179 -15.34 48.13 -1.35
C LEU B 179 -15.26 46.61 -1.30
N VAL B 180 -16.36 45.91 -1.56
CA VAL B 180 -16.32 44.45 -1.60
C VAL B 180 -15.47 43.98 -2.78
N LEU B 181 -15.61 44.64 -3.93
CA LEU B 181 -14.77 44.31 -5.08
C LEU B 181 -13.30 44.58 -4.79
N VAL B 182 -13.00 45.58 -3.95
CA VAL B 182 -11.64 45.77 -3.47
C VAL B 182 -11.23 44.64 -2.53
N VAL B 183 -12.17 44.16 -1.70
CA VAL B 183 -11.86 43.09 -0.75
C VAL B 183 -11.41 41.84 -1.49
N VAL B 184 -12.12 41.49 -2.56
CA VAL B 184 -11.82 40.25 -3.27
C VAL B 184 -10.35 40.14 -3.65
N PRO B 185 -9.73 41.13 -4.30
CA PRO B 185 -8.31 41.03 -4.61
C PRO B 185 -7.44 40.94 -3.37
N LEU B 186 -7.82 41.65 -2.31
CA LEU B 186 -7.07 41.56 -1.07
C LEU B 186 -7.14 40.15 -0.49
N ALA B 187 -8.33 39.54 -0.52
CA ALA B 187 -8.46 38.16 -0.04
C ALA B 187 -7.62 37.22 -0.88
N ALA B 188 -7.63 37.39 -2.20
CA ALA B 188 -6.82 36.51 -3.06
C ALA B 188 -5.34 36.68 -2.76
N LEU B 189 -4.89 37.93 -2.56
CA LEU B 189 -3.49 38.17 -2.26
C LEU B 189 -3.09 37.52 -0.94
N ILE B 190 -3.97 37.62 0.07
CA ILE B 190 -3.66 36.97 1.35
C ILE B 190 -3.65 35.46 1.18
N LEU B 191 -4.51 34.94 0.32
CA LEU B 191 -4.67 33.49 0.21
C LEU B 191 -3.52 32.84 -0.55
N VAL B 192 -2.97 33.52 -1.56
CA VAL B 192 -2.02 32.87 -2.46
C VAL B 192 -0.91 32.14 -1.72
N PRO B 193 -0.18 32.77 -0.79
CA PRO B 193 0.88 32.02 -0.10
C PRO B 193 0.38 30.81 0.64
N ILE B 194 -0.82 30.88 1.22
CA ILE B 194 -1.39 29.71 1.87
C ILE B 194 -1.58 28.59 0.87
N GLY B 195 -2.08 28.90 -0.31
CA GLY B 195 -2.23 27.88 -1.34
C GLY B 195 -0.91 27.25 -1.71
N ARG B 196 0.12 28.07 -1.91
CA ARG B 196 1.42 27.51 -2.28
C ARG B 196 1.96 26.60 -1.17
N LYS B 197 1.87 27.04 0.08
CA LYS B 197 2.36 26.21 1.18
C LYS B 197 1.58 24.91 1.27
N MET B 198 0.26 24.97 1.09
CA MET B 198 -0.54 23.76 1.14
C MET B 198 -0.16 22.81 0.02
N PHE B 199 0.08 23.33 -1.18
CA PHE B 199 0.50 22.47 -2.28
C PHE B 199 1.82 21.77 -1.98
N SER B 200 2.80 22.53 -1.47
CA SER B 200 4.09 21.92 -1.14
C SER B 200 3.93 20.84 -0.07
N ILE B 201 3.15 21.14 0.97
CA ILE B 201 2.95 20.16 2.04
C ILE B 201 2.27 18.91 1.51
N SER B 202 1.26 19.08 0.65
CA SER B 202 0.56 17.93 0.11
C SER B 202 1.49 17.04 -0.71
N ARG B 203 2.33 17.65 -1.55
CA ARG B 203 3.27 16.86 -2.33
C ARG B 203 4.23 16.10 -1.42
N GLU B 204 4.80 16.80 -0.43
CA GLU B 204 5.75 16.14 0.46
C GLU B 204 5.10 14.97 1.19
N THR B 205 3.86 15.15 1.65
CA THR B 205 3.14 14.05 2.28
C THR B 205 2.97 12.90 1.32
N GLN B 206 2.21 13.11 0.24
CA GLN B 206 1.91 12.03 -0.68
C GLN B 206 3.18 11.38 -1.24
N ASP B 207 4.34 11.98 -0.99
CA ASP B 207 5.58 11.26 -1.30
C ASP B 207 6.09 10.45 -0.11
N GLU B 208 6.07 11.02 1.10
CA GLU B 208 6.56 10.29 2.26
C GLU B 208 5.69 9.08 2.57
N THR B 209 4.38 9.19 2.34
CA THR B 209 3.51 8.04 2.50
C THR B 209 3.93 6.90 1.58
N ALA B 210 4.24 7.22 0.32
CA ALA B 210 4.69 6.20 -0.61
C ALA B 210 6.00 5.58 -0.14
N ARG B 211 6.94 6.41 0.34
CA ARG B 211 8.20 5.86 0.83
C ARG B 211 7.96 4.91 2.00
N PHE B 212 7.11 5.30 2.94
CA PHE B 212 6.85 4.46 4.10
C PHE B 212 6.20 3.15 3.69
N THR B 213 5.23 3.20 2.77
CA THR B 213 4.60 1.97 2.32
C THR B 213 5.60 1.05 1.63
N GLY B 214 6.47 1.63 0.80
CA GLY B 214 7.50 0.81 0.17
C GLY B 214 8.42 0.16 1.19
N LEU B 215 8.81 0.91 2.21
CA LEU B 215 9.66 0.34 3.26
C LEU B 215 8.97 -0.83 3.94
N LEU B 216 7.70 -0.64 4.31
CA LEU B 216 6.97 -1.73 4.97
C LEU B 216 6.88 -2.95 4.07
N ASN B 217 6.58 -2.73 2.78
CA ASN B 217 6.42 -3.85 1.86
C ASN B 217 7.71 -4.61 1.70
N GLN B 218 8.83 -3.91 1.57
CA GLN B 218 10.11 -4.59 1.46
C GLN B 218 10.58 -5.20 2.78
N ILE B 219 9.99 -4.79 3.90
CA ILE B 219 10.40 -5.38 5.18
C ILE B 219 9.60 -6.64 5.49
N LEU B 220 8.35 -6.72 5.04
CA LEU B 220 7.49 -7.79 5.54
C LEU B 220 8.05 -9.19 5.33
N PRO B 221 8.39 -9.62 4.12
CA PRO B 221 9.13 -10.89 4.00
C PRO B 221 10.45 -10.87 4.75
N GLU B 222 11.04 -9.72 4.89
CA GLU B 222 12.15 -9.75 5.83
C GLU B 222 11.32 -9.58 7.09
N ILE B 223 10.61 -10.64 7.49
CA ILE B 223 10.09 -10.78 8.83
C ILE B 223 10.66 -12.14 9.18
N ARG B 224 10.50 -13.11 8.29
CA ARG B 224 11.39 -14.25 8.32
C ARG B 224 12.83 -13.79 8.29
N LEU B 225 13.14 -12.80 7.44
CA LEU B 225 14.52 -12.33 7.39
C LEU B 225 15.00 -11.81 8.75
N VAL B 226 14.19 -10.97 9.41
CA VAL B 226 14.61 -10.37 10.67
C VAL B 226 14.67 -11.43 11.76
N LYS B 227 13.63 -12.27 11.86
CA LYS B 227 13.67 -13.33 12.86
C LYS B 227 14.91 -14.19 12.72
N ALA B 228 15.40 -14.37 11.49
CA ALA B 228 16.70 -15.01 11.32
C ALA B 228 17.78 -14.23 12.06
N SER B 229 17.75 -12.90 11.95
CA SER B 229 18.66 -12.03 12.68
C SER B 229 17.99 -11.63 14.00
N ASN B 230 18.52 -10.61 14.67
CA ASN B 230 17.90 -10.10 15.89
C ASN B 230 17.57 -8.62 15.71
N ALA B 231 17.03 -8.26 14.55
CA ALA B 231 16.86 -6.87 14.17
C ALA B 231 15.41 -6.42 14.20
N GLU B 232 14.61 -6.95 15.12
CA GLU B 232 13.25 -6.42 15.29
C GLU B 232 13.28 -4.97 15.73
N ASP B 233 14.18 -4.63 16.65
CA ASP B 233 14.24 -3.27 17.16
C ASP B 233 14.60 -2.27 16.06
N VAL B 234 15.55 -2.62 15.21
CA VAL B 234 15.98 -1.70 14.16
C VAL B 234 14.83 -1.41 13.20
N GLU B 235 14.11 -2.46 12.77
CA GLU B 235 13.01 -2.25 11.85
C GLU B 235 11.87 -1.49 12.52
N TYR B 236 11.59 -1.78 13.79
CA TYR B 236 10.59 -0.99 14.49
C TYR B 236 10.99 0.48 14.56
N GLY B 237 12.28 0.73 14.77
CA GLY B 237 12.75 2.11 14.78
C GLY B 237 12.58 2.79 13.43
N ARG B 238 12.88 2.07 12.35
CA ARG B 238 12.68 2.64 11.03
C ARG B 238 11.21 2.96 10.79
N GLY B 239 10.33 2.03 11.17
CA GLY B 239 8.90 2.31 11.03
C GLY B 239 8.46 3.50 11.85
N LYS B 240 8.99 3.62 13.06
CA LYS B 240 8.64 4.75 13.91
C LYS B 240 9.13 6.06 13.31
N MET B 241 10.33 6.05 12.72
CA MET B 241 10.85 7.26 12.09
C MET B 241 9.96 7.67 10.92
N GLY B 242 9.57 6.71 10.08
CA GLY B 242 8.66 7.04 9.00
C GLY B 242 7.34 7.58 9.49
N ILE B 243 6.79 6.96 10.53
CA ILE B 243 5.52 7.41 11.10
C ILE B 243 5.66 8.83 11.63
N SER B 244 6.78 9.12 12.30
CA SER B 244 6.99 10.46 12.84
C SER B 244 7.09 11.49 11.73
N SER B 245 7.78 11.16 10.64
CA SER B 245 7.85 12.09 9.52
C SER B 245 6.46 12.37 8.96
N LEU B 246 5.67 11.31 8.78
CA LEU B 246 4.31 11.50 8.28
C LEU B 246 3.49 12.35 9.23
N PHE B 247 3.63 12.11 10.54
CA PHE B 247 2.89 12.88 11.53
C PHE B 247 3.28 14.35 11.50
N LYS B 248 4.57 14.64 11.34
CA LYS B 248 5.01 16.03 11.26
C LYS B 248 4.43 16.71 10.02
N LEU B 249 4.43 16.01 8.89
CA LEU B 249 3.83 16.61 7.69
C LEU B 249 2.35 16.88 7.91
N GLY B 250 1.64 15.93 8.51
CA GLY B 250 0.23 16.16 8.79
C GLY B 250 0.00 17.34 9.71
N VAL B 251 0.83 17.47 10.74
CA VAL B 251 0.69 18.59 11.66
C VAL B 251 0.91 19.92 10.95
N ARG B 252 1.93 19.99 10.09
CA ARG B 252 2.17 21.23 9.35
C ARG B 252 1.00 21.57 8.46
N GLU B 253 0.45 20.57 7.76
CA GLU B 253 -0.70 20.83 6.91
C GLU B 253 -1.87 21.33 7.74
N ALA B 254 -2.09 20.74 8.91
CA ALA B 254 -3.18 21.19 9.79
C ALA B 254 -2.95 22.63 10.23
N LYS B 255 -1.70 22.98 10.54
CA LYS B 255 -1.41 24.36 10.95
C LYS B 255 -1.76 25.34 9.84
N VAL B 256 -1.37 25.03 8.61
CA VAL B 256 -1.70 25.94 7.50
C VAL B 256 -3.20 26.04 7.31
N GLN B 257 -3.89 24.90 7.34
CA GLN B 257 -5.34 24.93 7.16
C GLN B 257 -6.02 25.75 8.25
N SER B 258 -5.54 25.65 9.50
CA SER B 258 -6.10 26.45 10.58
C SER B 258 -5.84 27.93 10.34
N LEU B 259 -4.61 28.28 9.97
CA LEU B 259 -4.28 29.68 9.71
C LEU B 259 -5.12 30.25 8.58
N VAL B 260 -5.65 29.39 7.71
CA VAL B 260 -6.44 29.89 6.57
C VAL B 260 -7.59 30.77 7.05
N GLY B 261 -8.30 30.35 8.09
CA GLY B 261 -9.52 31.02 8.49
C GLY B 261 -9.33 32.42 9.05
N PRO B 262 -8.49 32.55 10.07
CA PRO B 262 -8.30 33.87 10.69
C PRO B 262 -7.88 34.95 9.70
N LEU B 263 -7.10 34.61 8.68
CA LEU B 263 -6.74 35.62 7.68
C LEU B 263 -7.97 36.12 6.95
N ILE B 264 -8.88 35.22 6.57
CA ILE B 264 -10.11 35.64 5.91
C ILE B 264 -10.94 36.50 6.85
N SER B 265 -11.02 36.10 8.12
CA SER B 265 -11.78 36.90 9.08
C SER B 265 -11.20 38.30 9.21
N LEU B 266 -9.86 38.41 9.27
CA LEU B 266 -9.22 39.70 9.39
C LEU B 266 -9.46 40.56 8.15
N VAL B 267 -9.36 39.95 6.97
CA VAL B 267 -9.58 40.71 5.74
C VAL B 267 -11.02 41.22 5.69
N LEU B 268 -11.98 40.38 6.05
CA LEU B 268 -13.36 40.81 6.04
C LEU B 268 -13.62 41.89 7.08
N MET B 269 -13.01 41.78 8.26
CA MET B 269 -13.17 42.82 9.27
C MET B 269 -12.61 44.14 8.79
N ALA B 270 -11.44 44.12 8.15
CA ALA B 270 -10.88 45.34 7.60
C ALA B 270 -11.78 45.92 6.51
N ALA B 271 -12.33 45.05 5.67
CA ALA B 271 -13.24 45.53 4.62
C ALA B 271 -14.46 46.21 5.23
N LEU B 272 -15.04 45.60 6.26
CA LEU B 272 -16.20 46.21 6.92
C LEU B 272 -15.83 47.53 7.58
N VAL B 273 -14.65 47.60 8.19
CA VAL B 273 -14.22 48.85 8.82
C VAL B 273 -14.07 49.95 7.78
N ALA B 274 -13.46 49.64 6.64
CA ALA B 274 -13.34 50.63 5.57
C ALA B 274 -14.72 51.04 5.06
N VAL B 275 -15.63 50.09 4.93
CA VAL B 275 -16.97 50.41 4.47
C VAL B 275 -17.64 51.39 5.42
N ILE B 276 -17.52 51.13 6.72
CA ILE B 276 -18.14 52.01 7.71
C ILE B 276 -17.48 53.39 7.69
N GLY B 277 -16.16 53.43 7.56
CA GLY B 277 -15.49 54.71 7.49
C GLY B 277 -15.93 55.54 6.30
N TYR B 278 -16.08 54.90 5.13
CA TYR B 278 -16.57 55.62 3.97
C TYR B 278 -18.03 56.04 4.14
N GLY B 279 -18.86 55.16 4.71
CA GLY B 279 -20.24 55.51 4.97
C GLY B 279 -20.40 56.66 5.95
N GLY B 280 -19.41 56.85 6.82
CA GLY B 280 -19.44 58.01 7.70
C GLY B 280 -19.56 59.32 6.93
N MET B 281 -18.76 59.45 5.86
CA MET B 281 -18.88 60.62 5.00
C MET B 281 -20.10 60.53 4.08
N GLN B 282 -20.45 59.34 3.60
CA GLN B 282 -21.63 59.20 2.75
C GLN B 282 -22.92 59.57 3.47
N VAL B 283 -22.94 59.53 4.80
CA VAL B 283 -24.13 59.98 5.53
C VAL B 283 -24.47 61.44 5.26
N SER B 284 -23.58 62.18 4.59
CA SER B 284 -23.86 63.57 4.28
C SER B 284 -25.07 63.70 3.37
N SER B 285 -25.16 62.85 2.35
CA SER B 285 -26.31 62.83 1.45
C SER B 285 -27.32 61.76 1.83
N GLY B 286 -26.89 60.50 1.92
CA GLY B 286 -27.72 59.44 2.43
C GLY B 286 -27.66 59.38 3.94
N GLU B 287 -28.20 60.40 4.61
CA GLU B 287 -28.08 60.51 6.06
C GLU B 287 -28.91 59.45 6.77
N LEU B 288 -30.23 59.47 6.57
CA LEU B 288 -31.11 58.49 7.20
C LEU B 288 -30.81 57.10 6.64
N THR B 289 -30.13 57.05 5.50
CA THR B 289 -29.76 55.79 4.88
C THR B 289 -28.93 54.95 5.84
N ALA B 290 -28.53 55.54 6.97
CA ALA B 290 -27.88 54.77 8.02
C ALA B 290 -28.68 53.53 8.36
N GLY B 291 -30.01 53.68 8.41
CA GLY B 291 -30.87 52.53 8.61
C GLY B 291 -30.59 51.47 7.56
N ALA B 292 -30.66 51.85 6.29
CA ALA B 292 -30.26 50.94 5.22
C ALA B 292 -28.84 50.46 5.43
N LEU B 293 -27.95 51.35 5.89
CA LEU B 293 -26.59 50.95 6.21
C LEU B 293 -26.59 49.75 7.15
N VAL B 294 -27.41 49.80 8.19
CA VAL B 294 -27.51 48.66 9.11
C VAL B 294 -27.88 47.41 8.32
N ALA B 295 -28.91 47.51 7.47
CA ALA B 295 -29.27 46.39 6.61
C ALA B 295 -28.04 45.89 5.86
N PHE B 296 -27.27 46.81 5.28
CA PHE B 296 -26.06 46.42 4.57
C PHE B 296 -25.20 45.52 5.44
N ILE B 297 -24.95 45.94 6.68
CA ILE B 297 -24.11 45.15 7.57
C ILE B 297 -24.67 43.75 7.68
N LEU B 298 -25.98 43.63 7.94
CA LEU B 298 -26.59 42.32 8.02
C LEU B 298 -26.31 41.52 6.75
N TYR B 299 -26.58 42.13 5.59
CA TYR B 299 -26.33 41.43 4.34
C TYR B 299 -24.85 41.09 4.21
N LEU B 300 -23.97 41.99 4.66
CA LEU B 300 -22.55 41.67 4.62
C LEU B 300 -22.25 40.39 5.39
N PHE B 301 -22.90 40.20 6.54
CA PHE B 301 -22.67 38.98 7.30
C PHE B 301 -23.05 37.75 6.47
N GLN B 302 -24.09 37.85 5.65
CA GLN B 302 -24.40 36.73 4.76
C GLN B 302 -23.23 36.45 3.83
N ILE B 303 -22.65 37.49 3.25
CA ILE B 303 -21.45 37.36 2.42
C ILE B 303 -20.41 36.47 3.09
N ILE B 304 -20.43 36.40 4.41
CA ILE B 304 -19.29 35.84 5.13
C ILE B 304 -19.46 34.34 5.31
N MET B 305 -20.65 33.80 5.00
CA MET B 305 -20.81 32.36 5.07
C MET B 305 -20.12 31.68 3.89
N PRO B 306 -20.48 32.00 2.65
CA PRO B 306 -19.98 31.21 1.53
C PRO B 306 -18.56 31.56 1.14
N MET B 307 -18.10 32.79 1.41
CA MET B 307 -16.72 33.12 1.10
C MET B 307 -15.79 32.08 1.69
N GLY B 308 -15.95 31.80 2.98
CA GLY B 308 -15.21 30.69 3.57
C GLY B 308 -15.28 29.45 2.72
N GLN B 309 -16.50 28.95 2.47
CA GLN B 309 -16.65 27.80 1.59
C GLN B 309 -15.79 27.95 0.35
N ILE B 310 -15.95 29.06 -0.38
CA ILE B 310 -15.19 29.22 -1.61
C ILE B 310 -13.70 29.07 -1.34
N THR B 311 -13.20 29.82 -0.36
CA THR B 311 -11.77 29.75 -0.08
C THR B 311 -11.38 28.32 0.28
N THR B 312 -12.19 27.64 1.09
CA THR B 312 -11.90 26.25 1.42
C THR B 312 -11.64 25.45 0.16
N PHE B 313 -12.55 25.55 -0.81
CA PHE B 313 -12.38 24.80 -2.05
C PHE B 313 -11.00 25.06 -2.64
N PHE B 314 -10.62 26.33 -2.75
CA PHE B 314 -9.33 26.64 -3.34
C PHE B 314 -8.22 25.87 -2.64
N THR B 315 -8.19 25.92 -1.31
CA THR B 315 -7.16 25.19 -0.60
C THR B 315 -7.16 23.72 -1.00
N GLN B 316 -8.33 23.08 -0.98
CA GLN B 316 -8.39 21.69 -1.39
C GLN B 316 -7.95 21.55 -2.85
N LEU B 317 -8.39 22.46 -3.71
CA LEU B 317 -8.00 22.37 -5.11
C LEU B 317 -6.49 22.41 -5.26
N GLN B 318 -5.78 22.97 -4.28
CA GLN B 318 -4.33 22.89 -4.32
C GLN B 318 -3.85 21.54 -3.81
N LYS B 319 -4.33 21.11 -2.64
CA LYS B 319 -3.81 19.89 -2.04
C LYS B 319 -3.89 18.73 -3.02
N SER B 320 -5.07 18.50 -3.59
CA SER B 320 -5.23 17.43 -4.56
C SER B 320 -4.17 17.55 -5.65
N ILE B 321 -4.06 18.75 -6.23
CA ILE B 321 -3.10 18.98 -7.30
C ILE B 321 -1.77 18.37 -6.91
N GLY B 322 -1.30 18.73 -5.71
CA GLY B 322 -0.02 18.21 -5.24
C GLY B 322 0.09 16.73 -5.51
N ALA B 323 -0.77 15.93 -4.87
CA ALA B 323 -0.70 14.49 -5.09
C ALA B 323 -0.81 14.17 -6.57
N THR B 324 -1.85 14.69 -7.22
CA THR B 324 -2.07 14.35 -8.61
C THR B 324 -0.85 14.67 -9.46
N GLU B 325 -0.06 15.67 -9.06
CA GLU B 325 1.12 16.02 -9.84
C GLU B 325 1.96 14.79 -10.11
N ARG B 326 2.27 14.03 -9.05
CA ARG B 326 3.11 12.85 -9.24
C ARG B 326 2.47 11.89 -10.24
N MET B 327 1.17 11.68 -10.12
CA MET B 327 0.47 10.80 -11.06
C MET B 327 0.77 11.21 -12.50
N ILE B 328 0.70 12.50 -12.79
CA ILE B 328 0.90 12.94 -14.16
C ILE B 328 2.26 12.50 -14.66
N GLU B 329 3.29 12.57 -13.81
CA GLU B 329 4.61 12.15 -14.24
C GLU B 329 4.61 10.71 -14.70
N ILE B 330 3.90 9.83 -13.99
CA ILE B 330 3.83 8.44 -14.41
C ILE B 330 3.02 8.32 -15.69
N LEU B 331 2.04 9.20 -15.89
CA LEU B 331 1.15 9.10 -17.05
C LEU B 331 1.79 9.61 -18.33
N ALA B 332 3.10 9.85 -18.34
CA ALA B 332 3.81 10.17 -19.58
C ALA B 332 5.22 9.60 -19.46
N GLU B 333 5.38 8.36 -19.90
CA GLU B 333 6.70 7.74 -19.93
C GLU B 333 6.80 7.33 -21.39
N GLU B 334 6.03 6.34 -21.84
CA GLU B 334 6.12 5.88 -23.22
C GLU B 334 5.94 4.44 -22.76
N GLU B 335 5.58 3.56 -23.68
CA GLU B 335 5.42 2.13 -23.39
C GLU B 335 5.80 1.38 -24.66
N GLU B 336 5.87 0.06 -24.54
CA GLU B 336 6.22 -0.82 -25.66
C GLU B 336 5.06 -1.75 -25.97
N ASP B 337 4.81 -1.97 -27.26
CA ASP B 337 3.72 -2.83 -27.68
C ASP B 337 4.04 -3.38 -29.07
N THR B 338 3.04 -3.99 -29.71
CA THR B 338 3.28 -4.61 -31.02
C THR B 338 3.05 -3.68 -32.20
N VAL B 339 3.46 -2.41 -32.06
CA VAL B 339 3.30 -1.38 -33.09
C VAL B 339 3.76 -1.93 -34.45
N THR B 340 4.92 -2.57 -34.49
CA THR B 340 5.50 -3.00 -35.75
C THR B 340 4.57 -3.97 -36.47
N GLY B 341 4.13 -5.01 -35.78
CA GLY B 341 3.27 -6.02 -36.35
C GLY B 341 3.99 -7.08 -37.17
N LYS B 342 5.30 -6.99 -37.31
CA LYS B 342 6.05 -7.98 -38.09
C LYS B 342 6.16 -9.27 -37.30
N GLN B 343 5.30 -10.23 -37.59
CA GLN B 343 5.33 -11.51 -36.90
C GLN B 343 6.54 -12.33 -37.32
N ILE B 344 7.08 -13.09 -36.36
CA ILE B 344 8.24 -13.93 -36.65
C ILE B 344 7.93 -14.86 -37.82
N GLU B 345 6.94 -15.74 -37.64
CA GLU B 345 6.40 -16.53 -38.74
C GLU B 345 7.35 -17.62 -39.22
N ASN B 346 8.58 -17.63 -38.69
CA ASN B 346 9.55 -18.67 -39.04
C ASN B 346 9.97 -19.50 -37.85
N ALA B 347 10.46 -18.86 -36.79
CA ALA B 347 10.80 -19.48 -35.51
C ALA B 347 12.00 -20.42 -35.58
N HIS B 348 12.58 -20.64 -36.77
CA HIS B 348 13.72 -21.54 -36.92
C HIS B 348 14.80 -20.83 -37.73
N LEU B 349 15.58 -20.00 -37.05
CA LEU B 349 16.69 -19.26 -37.65
C LEU B 349 17.82 -19.21 -36.64
N PRO B 350 19.06 -19.08 -37.11
CA PRO B 350 20.17 -18.81 -36.18
C PRO B 350 20.12 -17.36 -35.72
N ILE B 351 20.46 -17.16 -34.45
CA ILE B 351 20.44 -15.83 -33.84
C ILE B 351 21.87 -15.31 -33.82
N GLN B 352 22.15 -14.27 -34.60
CA GLN B 352 23.50 -13.72 -34.71
C GLN B 352 23.58 -12.46 -33.87
N LEU B 353 24.48 -12.47 -32.88
CA LEU B 353 24.72 -11.31 -32.03
C LEU B 353 25.89 -10.52 -32.62
N ASP B 354 25.59 -9.33 -33.13
CA ASP B 354 26.59 -8.42 -33.67
C ASP B 354 27.28 -7.68 -32.52
N ARG B 355 28.03 -6.63 -32.85
CA ARG B 355 28.75 -5.88 -31.82
C ARG B 355 27.58 -5.39 -30.97
N VAL B 356 27.60 -5.70 -29.68
CA VAL B 356 26.53 -5.33 -28.77
C VAL B 356 27.27 -4.92 -27.50
N SER B 357 26.67 -4.00 -26.76
CA SER B 357 27.21 -3.55 -25.49
C SER B 357 26.07 -3.02 -24.63
N PHE B 358 26.12 -3.30 -23.34
CA PHE B 358 25.08 -2.88 -22.42
C PHE B 358 25.70 -2.21 -21.20
N GLY B 359 25.10 -1.10 -20.79
CA GLY B 359 25.29 -0.55 -19.47
C GLY B 359 23.97 -0.04 -18.93
N TYR B 360 23.52 -0.57 -17.79
CA TYR B 360 22.25 -0.12 -17.23
C TYR B 360 22.28 1.38 -17.00
N LYS B 361 23.36 1.87 -16.41
CA LYS B 361 23.62 3.30 -16.50
C LYS B 361 24.34 3.60 -17.81
N PRO B 362 24.13 4.80 -18.37
CA PRO B 362 24.76 5.11 -19.66
C PRO B 362 26.28 5.06 -19.64
N ASP B 363 26.91 5.20 -18.47
CA ASP B 363 28.36 5.29 -18.40
C ASP B 363 29.00 3.92 -18.46
N GLN B 364 28.74 3.08 -17.46
CA GLN B 364 29.43 1.80 -17.35
C GLN B 364 28.87 0.79 -18.34
N LEU B 365 29.72 -0.14 -18.76
CA LEU B 365 29.35 -1.18 -19.71
C LEU B 365 29.59 -2.54 -19.09
N ILE B 366 28.58 -3.41 -19.16
CA ILE B 366 28.70 -4.77 -18.67
C ILE B 366 29.14 -5.66 -19.82
N LEU B 367 28.38 -5.64 -20.92
CA LEU B 367 28.76 -6.36 -22.12
C LEU B 367 29.56 -5.44 -23.03
N LYS B 368 30.80 -5.84 -23.32
CA LYS B 368 31.73 -5.00 -24.08
C LYS B 368 32.10 -5.71 -25.37
N GLU B 369 31.48 -5.29 -26.47
CA GLU B 369 31.82 -5.79 -27.81
C GLU B 369 31.68 -7.31 -27.88
N VAL B 370 30.44 -7.77 -27.68
CA VAL B 370 30.13 -9.19 -27.80
C VAL B 370 29.70 -9.48 -29.23
N SER B 371 29.93 -10.71 -29.67
CA SER B 371 29.52 -11.14 -31.00
C SER B 371 29.61 -12.65 -31.12
N ALA B 372 28.55 -13.29 -31.59
CA ALA B 372 28.53 -14.75 -31.69
C ALA B 372 27.34 -15.17 -32.53
N VAL B 373 27.10 -16.48 -32.58
CA VAL B 373 26.00 -17.04 -33.36
C VAL B 373 25.42 -18.23 -32.60
N ILE B 374 24.18 -18.09 -32.14
CA ILE B 374 23.44 -19.19 -31.54
C ILE B 374 22.79 -19.96 -32.69
N GLU B 375 23.33 -21.13 -33.02
CA GLU B 375 22.81 -21.92 -34.12
C GLU B 375 21.61 -22.72 -33.68
N ALA B 376 20.58 -22.73 -34.52
CA ALA B 376 19.34 -23.44 -34.19
C ALA B 376 19.58 -24.95 -34.16
N GLY B 377 18.78 -25.62 -33.34
CA GLY B 377 18.88 -27.06 -33.21
C GLY B 377 19.99 -27.54 -32.30
N LYS B 378 20.70 -26.65 -31.63
CA LYS B 378 21.80 -27.02 -30.75
C LYS B 378 21.70 -26.21 -29.47
N VAL B 379 22.23 -26.78 -28.39
CA VAL B 379 22.14 -26.18 -27.06
C VAL B 379 23.42 -25.38 -26.84
N THR B 380 23.34 -24.07 -27.07
CA THR B 380 24.47 -23.20 -26.77
C THR B 380 24.43 -22.82 -25.30
N ALA B 381 25.52 -23.11 -24.59
CA ALA B 381 25.59 -22.91 -23.14
C ALA B 381 26.55 -21.77 -22.85
N ILE B 382 26.06 -20.76 -22.12
CA ILE B 382 26.88 -19.65 -21.67
C ILE B 382 27.43 -20.00 -20.29
N VAL B 383 28.75 -19.98 -20.15
CA VAL B 383 29.40 -20.34 -18.90
C VAL B 383 30.41 -19.26 -18.55
N GLY B 384 30.73 -19.16 -17.26
CA GLY B 384 31.72 -18.23 -16.79
C GLY B 384 31.59 -17.92 -15.31
N PRO B 385 32.51 -17.13 -14.78
CA PRO B 385 32.45 -16.75 -13.37
C PRO B 385 31.26 -15.84 -13.09
N SER B 386 30.86 -15.81 -11.82
CA SER B 386 29.73 -14.98 -11.42
C SER B 386 30.01 -13.52 -11.73
N GLY B 387 28.99 -12.83 -12.21
CA GLY B 387 29.12 -11.42 -12.53
C GLY B 387 29.71 -11.14 -13.89
N GLY B 388 29.95 -12.15 -14.72
CA GLY B 388 30.50 -11.92 -16.04
C GLY B 388 29.53 -11.26 -17.00
N GLY B 389 28.23 -11.40 -16.77
CA GLY B 389 27.24 -10.79 -17.64
C GLY B 389 26.38 -11.80 -18.38
N LYS B 390 26.14 -12.95 -17.75
CA LYS B 390 25.35 -13.99 -18.41
C LYS B 390 23.88 -13.62 -18.51
N THR B 391 23.26 -13.27 -17.37
CA THR B 391 21.84 -12.99 -17.36
C THR B 391 21.49 -11.80 -18.25
N THR B 392 22.30 -10.74 -18.21
CA THR B 392 22.04 -9.59 -19.05
C THR B 392 22.03 -9.97 -20.53
N LEU B 393 22.81 -10.98 -20.92
CA LEU B 393 22.76 -11.45 -22.29
C LEU B 393 21.38 -12.02 -22.61
N PHE B 394 20.80 -12.77 -21.69
CA PHE B 394 19.43 -13.27 -21.90
C PHE B 394 18.44 -12.11 -21.95
N LYS B 395 18.63 -11.10 -21.10
CA LYS B 395 17.73 -9.96 -21.12
C LYS B 395 17.75 -9.27 -22.48
N LEU B 396 18.95 -9.11 -23.05
CA LEU B 396 19.04 -8.58 -24.42
C LEU B 396 18.37 -9.51 -25.42
N LEU B 397 18.62 -10.82 -25.30
CA LEU B 397 18.05 -11.77 -26.25
C LEU B 397 16.54 -11.76 -26.23
N GLU B 398 15.92 -11.44 -25.09
CA GLU B 398 14.48 -11.29 -25.00
C GLU B 398 14.02 -9.86 -25.20
N ARG B 399 14.94 -8.95 -25.52
CA ARG B 399 14.61 -7.56 -25.80
C ARG B 399 13.87 -6.90 -24.64
N PHE B 400 14.31 -7.24 -23.42
CA PHE B 400 13.88 -6.46 -22.27
C PHE B 400 14.38 -5.04 -22.36
N TYR B 401 15.64 -4.87 -22.74
CA TYR B 401 16.25 -3.56 -23.01
C TYR B 401 16.71 -3.53 -24.46
N SER B 402 17.12 -2.35 -24.90
CA SER B 402 17.58 -2.20 -26.27
C SER B 402 19.09 -2.12 -26.33
N PRO B 403 19.73 -2.94 -27.17
CA PRO B 403 21.19 -2.88 -27.27
C PRO B 403 21.66 -1.51 -27.72
N THR B 404 22.81 -1.09 -27.19
CA THR B 404 23.35 0.23 -27.51
C THR B 404 24.36 0.16 -28.65
N ALA B 405 25.35 -0.73 -28.55
CA ALA B 405 26.41 -0.78 -29.54
C ALA B 405 25.86 -1.16 -30.91
N GLY B 406 25.32 -2.37 -31.04
CA GLY B 406 24.87 -2.89 -32.31
C GLY B 406 23.45 -3.40 -32.24
N THR B 407 23.19 -4.45 -33.02
CA THR B 407 21.86 -5.05 -33.12
C THR B 407 22.00 -6.57 -33.15
N ILE B 408 20.85 -7.24 -32.99
CA ILE B 408 20.77 -8.69 -33.00
C ILE B 408 19.83 -9.09 -34.13
N ARG B 409 20.30 -9.99 -35.00
CA ARG B 409 19.54 -10.41 -36.16
C ARG B 409 19.14 -11.88 -36.04
N LEU B 410 18.14 -12.25 -36.83
CA LEU B 410 17.56 -13.59 -36.82
C LEU B 410 17.53 -14.16 -38.24
N GLY B 411 18.67 -14.13 -38.91
CA GLY B 411 18.74 -14.57 -40.28
C GLY B 411 18.81 -13.43 -41.27
N ASP B 412 19.67 -12.45 -40.98
CA ASP B 412 19.83 -11.27 -41.81
C ASP B 412 18.61 -10.35 -41.72
N GLU B 413 18.01 -10.30 -40.53
CA GLU B 413 16.88 -9.42 -40.28
C GLU B 413 17.01 -8.82 -38.89
N PRO B 414 17.08 -7.50 -38.78
CA PRO B 414 17.20 -6.88 -37.45
C PRO B 414 16.03 -7.30 -36.57
N VAL B 415 16.34 -7.61 -35.31
CA VAL B 415 15.30 -8.06 -34.39
C VAL B 415 14.28 -6.98 -34.13
N ASP B 416 14.68 -5.71 -34.21
CA ASP B 416 13.74 -4.62 -33.94
C ASP B 416 12.59 -4.59 -34.94
N THR B 417 12.76 -5.22 -36.11
CA THR B 417 11.67 -5.24 -37.09
C THR B 417 10.45 -5.98 -36.57
N TYR B 418 10.67 -7.09 -35.87
CA TYR B 418 9.57 -7.89 -35.36
C TYR B 418 8.95 -7.24 -34.13
N SER B 419 7.72 -7.64 -33.84
CA SER B 419 6.94 -7.08 -32.75
C SER B 419 7.24 -7.83 -31.45
N LEU B 420 7.12 -7.11 -30.33
CA LEU B 420 7.38 -7.72 -29.03
C LEU B 420 6.42 -8.88 -28.77
N GLU B 421 5.14 -8.67 -29.05
CA GLU B 421 4.13 -9.68 -28.76
C GLU B 421 4.33 -10.96 -29.56
N SER B 422 5.12 -10.92 -30.63
CA SER B 422 5.45 -12.11 -31.41
C SER B 422 6.81 -12.69 -31.03
N TRP B 423 7.81 -11.84 -30.82
CA TRP B 423 9.13 -12.34 -30.43
C TRP B 423 9.09 -13.01 -29.06
N ARG B 424 8.35 -12.42 -28.11
CA ARG B 424 8.28 -12.99 -26.77
C ARG B 424 7.42 -14.23 -26.71
N GLU B 425 6.43 -14.35 -27.60
CA GLU B 425 5.55 -15.53 -27.57
C GLU B 425 6.31 -16.80 -27.91
N HIS B 426 7.27 -16.72 -28.84
CA HIS B 426 8.01 -17.88 -29.30
C HIS B 426 9.21 -18.21 -28.43
N ILE B 427 9.30 -17.67 -27.22
CA ILE B 427 10.49 -17.82 -26.38
C ILE B 427 10.06 -18.20 -24.97
N GLY B 428 10.74 -19.19 -24.40
CA GLY B 428 10.57 -19.55 -23.00
C GLY B 428 11.79 -19.12 -22.21
N TYR B 429 11.55 -18.60 -21.00
CA TYR B 429 12.61 -17.98 -20.23
C TYR B 429 12.44 -18.37 -18.76
N VAL B 430 13.39 -19.14 -18.25
CA VAL B 430 13.42 -19.48 -16.83
C VAL B 430 14.42 -18.54 -16.14
N SER B 431 13.96 -17.84 -15.12
CA SER B 431 14.80 -16.83 -14.48
C SER B 431 15.75 -17.46 -13.48
N GLN B 432 16.88 -16.77 -13.25
CA GLN B 432 17.84 -17.20 -12.25
C GLN B 432 17.30 -17.13 -10.84
N GLU B 433 16.17 -16.45 -10.65
CA GLU B 433 15.51 -16.26 -9.36
C GLU B 433 14.07 -16.74 -9.45
N SER B 434 13.89 -17.99 -9.92
CA SER B 434 12.62 -18.48 -10.43
C SER B 434 11.46 -18.02 -9.55
N PRO B 435 10.62 -17.13 -10.06
CA PRO B 435 9.54 -16.56 -9.25
C PRO B 435 8.22 -17.28 -9.43
N LEU B 436 7.41 -17.26 -8.37
CA LEU B 436 6.05 -17.74 -8.41
C LEU B 436 5.15 -16.69 -7.78
N MET B 437 3.93 -16.58 -8.29
CA MET B 437 2.98 -15.59 -7.80
C MET B 437 1.86 -16.26 -7.04
N SER B 438 1.21 -15.49 -6.18
CA SER B 438 0.12 -16.03 -5.37
C SER B 438 -0.97 -16.59 -6.26
N GLY B 439 -1.51 -17.73 -5.86
CA GLY B 439 -2.56 -18.42 -6.59
C GLY B 439 -2.26 -19.89 -6.69
N THR B 440 -3.07 -20.59 -7.48
CA THR B 440 -2.92 -22.02 -7.62
C THR B 440 -1.65 -22.36 -8.40
N ILE B 441 -1.14 -23.57 -8.15
CA ILE B 441 -0.03 -24.07 -8.95
C ILE B 441 -0.43 -24.12 -10.42
N ARG B 442 -1.68 -24.52 -10.69
CA ARG B 442 -2.16 -24.57 -12.06
C ARG B 442 -2.12 -23.18 -12.69
N GLU B 443 -2.51 -22.15 -11.94
CA GLU B 443 -2.48 -20.80 -12.49
C GLU B 443 -1.05 -20.38 -12.82
N ASN B 444 -0.10 -20.69 -11.94
CA ASN B 444 1.29 -20.34 -12.21
C ASN B 444 1.81 -21.06 -13.44
N ILE B 445 1.49 -22.35 -13.59
CA ILE B 445 1.94 -23.09 -14.77
C ILE B 445 1.31 -22.51 -16.03
N CYS B 446 0.03 -22.17 -15.96
CA CYS B 446 -0.71 -21.65 -17.11
C CYS B 446 -0.61 -20.14 -17.26
N TYR B 447 0.06 -19.46 -16.33
CA TYR B 447 0.16 -18.01 -16.30
C TYR B 447 0.33 -17.42 -17.69
N GLY B 448 -0.51 -16.43 -18.01
CA GLY B 448 -0.37 -15.65 -19.21
C GLY B 448 -0.90 -16.28 -20.48
N LEU B 449 -0.89 -17.61 -20.58
CA LEU B 449 -1.31 -18.26 -21.81
C LEU B 449 -2.74 -17.86 -22.18
N GLU B 450 -2.94 -17.52 -23.44
CA GLU B 450 -4.28 -17.19 -23.94
C GLU B 450 -5.01 -18.42 -24.44
N ARG B 451 -4.34 -19.29 -25.19
CA ARG B 451 -4.95 -20.53 -25.63
C ARG B 451 -5.30 -21.39 -24.44
N ASP B 452 -6.48 -22.01 -24.48
CA ASP B 452 -6.90 -22.89 -23.40
C ASP B 452 -5.94 -24.07 -23.28
N VAL B 453 -5.69 -24.48 -22.04
CA VAL B 453 -4.72 -25.54 -21.75
C VAL B 453 -5.38 -26.88 -21.50
N THR B 454 -6.67 -26.92 -21.15
CA THR B 454 -7.37 -28.17 -20.83
C THR B 454 -6.64 -28.78 -19.64
N ASP B 455 -6.38 -30.08 -19.63
CA ASP B 455 -5.67 -30.70 -18.50
C ASP B 455 -4.53 -31.58 -18.99
N ALA B 456 -4.63 -32.08 -20.22
CA ALA B 456 -3.56 -32.93 -20.76
C ALA B 456 -2.26 -32.17 -20.86
N GLU B 457 -2.30 -30.91 -21.31
CA GLU B 457 -1.08 -30.14 -21.49
C GLU B 457 -0.38 -29.89 -20.16
N ILE B 458 -1.14 -29.53 -19.12
CA ILE B 458 -0.53 -29.28 -17.82
C ILE B 458 0.11 -30.55 -17.29
N GLU B 459 -0.59 -31.68 -17.42
CA GLU B 459 -0.03 -32.95 -16.96
C GLU B 459 1.25 -33.29 -17.71
N LYS B 460 1.26 -33.09 -19.03
CA LYS B 460 2.47 -33.37 -19.80
C LYS B 460 3.62 -32.48 -19.37
N ALA B 461 3.35 -31.19 -19.17
CA ALA B 461 4.40 -30.28 -18.74
C ALA B 461 4.95 -30.68 -17.38
N ALA B 462 4.07 -31.00 -16.44
CA ALA B 462 4.53 -31.40 -15.12
C ALA B 462 5.35 -32.68 -15.20
N GLU B 463 4.92 -33.64 -16.02
CA GLU B 463 5.67 -34.88 -16.16
C GLU B 463 7.04 -34.63 -16.77
N MET B 464 7.12 -33.75 -17.75
CA MET B 464 8.39 -33.42 -18.39
C MET B 464 9.27 -32.54 -17.53
N ALA B 465 8.73 -31.93 -16.48
CA ALA B 465 9.54 -31.18 -15.52
C ALA B 465 9.79 -31.97 -14.25
N TYR B 466 9.40 -33.24 -14.19
CA TYR B 466 9.56 -34.07 -13.00
C TYR B 466 8.92 -33.42 -11.78
N ALA B 467 7.76 -32.80 -11.98
CA ALA B 467 7.01 -32.17 -10.90
C ALA B 467 5.76 -32.95 -10.52
N LEU B 468 5.23 -33.77 -11.43
CA LEU B 468 3.99 -34.49 -11.15
C LEU B 468 4.12 -35.44 -9.97
N ASN B 469 5.34 -35.81 -9.59
CA ASN B 469 5.53 -36.78 -8.51
C ASN B 469 4.96 -36.25 -7.20
N PHE B 470 5.24 -35.00 -6.87
CA PHE B 470 4.75 -34.41 -5.62
C PHE B 470 3.43 -33.66 -5.78
N ILE B 471 3.18 -33.05 -6.94
CA ILE B 471 1.93 -32.32 -7.13
C ILE B 471 0.72 -33.22 -6.98
N LYS B 472 0.87 -34.53 -7.16
CA LYS B 472 -0.21 -35.48 -6.93
C LYS B 472 -0.17 -36.08 -5.53
N GLU B 473 0.81 -35.70 -4.72
CA GLU B 473 0.82 -36.04 -3.31
C GLU B 473 0.17 -34.95 -2.45
N LEU B 474 -0.37 -33.92 -3.09
CA LEU B 474 -1.04 -32.80 -2.46
C LEU B 474 -2.47 -32.74 -2.99
N PRO B 475 -3.30 -31.80 -2.54
CA PRO B 475 -4.66 -31.71 -3.07
C PRO B 475 -4.18 -31.25 -4.45
N ASN B 476 -4.25 -32.15 -5.43
CA ASN B 476 -4.01 -31.82 -6.83
C ASN B 476 -3.21 -30.65 -7.40
N GLN B 477 -3.74 -30.04 -8.46
CA GLN B 477 -3.04 -28.97 -9.16
C GLN B 477 -4.05 -27.83 -9.25
N PHE B 478 -4.98 -27.81 -8.32
CA PHE B 478 -5.81 -26.64 -8.08
C PHE B 478 -5.84 -26.16 -6.63
N ASP B 479 -5.04 -26.76 -5.76
CA ASP B 479 -4.98 -26.41 -4.35
C ASP B 479 -3.54 -26.10 -3.98
N THR B 480 -3.26 -25.97 -2.69
CA THR B 480 -1.91 -25.68 -2.22
C THR B 480 -1.45 -24.31 -2.75
N GLU B 481 -2.22 -23.30 -2.38
CA GLU B 481 -1.88 -21.93 -2.73
C GLU B 481 -0.41 -21.66 -2.45
N VAL B 482 0.33 -21.27 -3.49
CA VAL B 482 1.76 -21.07 -3.35
C VAL B 482 2.11 -19.87 -2.49
N GLY B 483 1.12 -19.16 -1.98
CA GLY B 483 1.39 -18.04 -1.11
C GLY B 483 2.02 -16.88 -1.87
N GLU B 484 2.73 -16.03 -1.12
CA GLU B 484 3.42 -14.89 -1.68
C GLU B 484 4.88 -15.23 -1.94
N ARG B 485 5.36 -14.95 -3.14
CA ARG B 485 6.73 -15.25 -3.52
C ARG B 485 7.03 -16.74 -3.51
N GLY B 486 5.98 -17.57 -3.53
CA GLY B 486 6.17 -19.01 -3.50
C GLY B 486 6.82 -19.52 -2.24
N ILE B 487 6.44 -18.98 -1.08
CA ILE B 487 7.02 -19.43 0.17
C ILE B 487 6.47 -20.79 0.56
N MET B 488 5.23 -21.09 0.19
CA MET B 488 4.58 -22.33 0.58
C MET B 488 5.08 -23.54 -0.20
N LEU B 489 6.16 -23.40 -0.96
CA LEU B 489 6.75 -24.50 -1.70
C LEU B 489 8.26 -24.47 -1.54
N SER B 490 8.88 -25.62 -1.76
CA SER B 490 10.34 -25.72 -1.61
C SER B 490 11.04 -25.07 -2.79
N GLY B 491 12.34 -24.85 -2.62
CA GLY B 491 13.12 -24.27 -3.70
C GLY B 491 13.15 -25.14 -4.94
N GLY B 492 13.40 -26.44 -4.75
CA GLY B 492 13.37 -27.35 -5.88
C GLY B 492 12.01 -27.40 -6.54
N GLN B 493 10.95 -27.45 -5.73
CA GLN B 493 9.61 -27.44 -6.30
C GLN B 493 9.35 -26.16 -7.07
N ARG B 494 9.79 -25.01 -6.53
CA ARG B 494 9.59 -23.75 -7.23
C ARG B 494 10.29 -23.74 -8.57
N GLN B 495 11.55 -24.18 -8.59
CA GLN B 495 12.30 -24.21 -9.84
C GLN B 495 11.64 -25.15 -10.85
N ARG B 496 11.17 -26.30 -10.38
CA ARG B 496 10.53 -27.25 -11.29
C ARG B 496 9.21 -26.71 -11.81
N ILE B 497 8.47 -25.95 -10.99
CA ILE B 497 7.25 -25.32 -11.48
C ILE B 497 7.57 -24.29 -12.54
N ALA B 498 8.63 -23.50 -12.34
CA ALA B 498 9.04 -22.54 -13.37
C ALA B 498 9.40 -23.26 -14.67
N ILE B 499 10.15 -24.35 -14.57
CA ILE B 499 10.50 -25.12 -15.76
C ILE B 499 9.26 -25.67 -16.44
N ALA B 500 8.29 -26.13 -15.65
CA ALA B 500 7.04 -26.63 -16.22
C ALA B 500 6.31 -25.54 -16.97
N ARG B 501 6.27 -24.32 -16.41
CA ARG B 501 5.65 -23.22 -17.12
C ARG B 501 6.36 -22.96 -18.44
N ALA B 502 7.69 -22.94 -18.41
CA ALA B 502 8.44 -22.66 -19.63
C ALA B 502 8.15 -23.72 -20.69
N LEU B 503 8.13 -24.99 -20.30
CA LEU B 503 7.86 -26.05 -21.26
C LEU B 503 6.44 -25.96 -21.80
N LEU B 504 5.47 -25.70 -20.92
CA LEU B 504 4.08 -25.60 -21.36
C LEU B 504 3.89 -24.46 -22.35
N ARG B 505 4.66 -23.38 -22.20
CA ARG B 505 4.59 -22.32 -23.21
C ARG B 505 4.91 -22.84 -24.59
N ASN B 506 5.70 -23.92 -24.68
CA ASN B 506 6.03 -24.57 -25.93
C ASN B 506 6.65 -23.57 -26.91
N PRO B 507 7.80 -23.00 -26.58
CA PRO B 507 8.42 -22.00 -27.46
C PRO B 507 9.43 -22.63 -28.43
N SER B 508 9.81 -21.85 -29.43
CA SER B 508 10.87 -22.25 -30.34
C SER B 508 12.23 -21.98 -29.73
N ILE B 509 12.41 -20.80 -29.13
CA ILE B 509 13.63 -20.47 -28.41
C ILE B 509 13.40 -20.71 -26.93
N LEU B 510 14.26 -21.50 -26.31
CA LEU B 510 14.12 -21.87 -24.91
C LEU B 510 15.39 -21.46 -24.17
N MET B 511 15.27 -20.45 -23.32
CA MET B 511 16.40 -20.00 -22.50
C MET B 511 16.20 -20.46 -21.07
N LEU B 512 17.19 -21.16 -20.53
CA LEU B 512 17.16 -21.68 -19.17
C LEU B 512 18.43 -21.24 -18.47
N ASP B 513 18.34 -20.16 -17.70
CA ASP B 513 19.50 -19.67 -16.95
C ASP B 513 19.43 -20.24 -15.52
N ALA B 514 20.44 -21.02 -15.16
CA ALA B 514 20.52 -21.65 -13.84
C ALA B 514 19.20 -22.31 -13.48
N ALA B 515 18.69 -23.12 -14.41
CA ALA B 515 17.41 -23.77 -14.23
C ALA B 515 17.46 -24.95 -13.28
N THR B 516 18.65 -25.49 -12.99
CA THR B 516 18.81 -26.62 -12.10
C THR B 516 19.74 -26.27 -10.94
N SER B 517 19.65 -25.02 -10.47
CA SER B 517 20.54 -24.58 -9.41
C SER B 517 20.28 -25.33 -8.11
N SER B 518 19.01 -25.51 -7.75
CA SER B 518 18.63 -26.08 -6.46
C SER B 518 17.99 -27.45 -6.58
N LEU B 519 18.33 -28.21 -7.61
CA LEU B 519 17.77 -29.54 -7.82
C LEU B 519 18.81 -30.61 -7.50
N ASP B 520 18.34 -31.75 -7.02
CA ASP B 520 19.21 -32.86 -6.67
C ASP B 520 19.78 -33.50 -7.95
N SER B 521 20.74 -34.40 -7.74
CA SER B 521 21.40 -35.06 -8.87
C SER B 521 20.40 -35.89 -9.68
N GLN B 522 19.55 -36.66 -9.00
CA GLN B 522 18.60 -37.50 -9.72
C GLN B 522 17.53 -36.65 -10.42
N SER B 523 16.98 -35.66 -9.71
CA SER B 523 16.01 -34.78 -10.34
C SER B 523 16.63 -34.01 -11.49
N GLU B 524 17.87 -33.55 -11.32
CA GLU B 524 18.56 -32.88 -12.41
C GLU B 524 18.71 -33.79 -13.62
N LYS B 525 19.10 -35.05 -13.39
CA LYS B 525 19.27 -35.97 -14.51
C LYS B 525 17.95 -36.22 -15.23
N SER B 526 16.88 -36.43 -14.47
CA SER B 526 15.59 -36.70 -15.11
C SER B 526 15.10 -35.49 -15.90
N VAL B 527 15.18 -34.30 -15.30
CA VAL B 527 14.72 -33.10 -15.99
C VAL B 527 15.58 -32.84 -17.22
N GLN B 528 16.89 -33.06 -17.11
CA GLN B 528 17.76 -32.86 -18.26
C GLN B 528 17.43 -33.82 -19.39
N GLN B 529 17.20 -35.09 -19.07
CA GLN B 529 16.83 -36.05 -20.11
C GLN B 529 15.55 -35.64 -20.80
N ALA B 530 14.51 -35.31 -20.01
CA ALA B 530 13.24 -34.92 -20.61
C ALA B 530 13.38 -33.68 -21.47
N LEU B 531 14.10 -32.67 -20.96
CA LEU B 531 14.25 -31.43 -21.70
C LEU B 531 15.04 -31.63 -22.99
N GLU B 532 16.09 -32.45 -22.94
CA GLU B 532 16.86 -32.72 -24.15
C GLU B 532 15.99 -33.44 -25.18
N VAL B 533 15.23 -34.45 -24.74
CA VAL B 533 14.38 -35.17 -25.68
C VAL B 533 13.37 -34.23 -26.31
N LEU B 534 12.78 -33.33 -25.50
CA LEU B 534 11.76 -32.44 -26.03
C LEU B 534 12.36 -31.38 -26.97
N MET B 535 13.24 -30.55 -26.44
CA MET B 535 13.78 -29.41 -27.17
C MET B 535 15.00 -29.76 -28.02
N GLU B 536 15.23 -31.05 -28.32
CA GLU B 536 16.33 -31.39 -29.21
C GLU B 536 16.15 -30.77 -30.59
N GLY B 537 14.92 -30.81 -31.12
CA GLY B 537 14.65 -30.25 -32.43
C GLY B 537 14.33 -28.77 -32.41
N ARG B 538 14.90 -28.04 -31.45
CA ARG B 538 14.68 -26.61 -31.34
C ARG B 538 15.87 -25.96 -30.67
N THR B 539 16.01 -24.65 -30.87
CA THR B 539 17.11 -23.92 -30.27
C THR B 539 16.97 -23.90 -28.75
N THR B 540 18.10 -23.99 -28.06
CA THR B 540 18.12 -23.98 -26.60
C THR B 540 19.38 -23.29 -26.12
N ILE B 541 19.21 -22.33 -25.22
CA ILE B 541 20.33 -21.59 -24.63
C ILE B 541 20.29 -21.82 -23.12
N VAL B 542 21.29 -22.51 -22.60
CA VAL B 542 21.33 -22.86 -21.18
C VAL B 542 22.52 -22.16 -20.53
N ILE B 543 22.29 -21.66 -19.33
CA ILE B 543 23.31 -21.02 -18.52
C ILE B 543 23.50 -21.90 -17.29
N ALA B 544 24.63 -22.58 -17.21
CA ALA B 544 24.88 -23.53 -16.13
C ALA B 544 26.23 -23.24 -15.49
N HIS B 545 26.24 -23.12 -14.16
CA HIS B 545 27.50 -22.97 -13.44
C HIS B 545 28.25 -24.28 -13.31
N ARG B 546 27.57 -25.41 -13.50
CA ARG B 546 28.18 -26.73 -13.41
C ARG B 546 28.45 -27.24 -14.81
N LEU B 547 29.71 -27.57 -15.10
CA LEU B 547 30.07 -28.04 -16.43
C LEU B 547 29.52 -29.42 -16.73
N SER B 548 29.08 -30.15 -15.71
CA SER B 548 28.58 -31.51 -15.94
C SER B 548 27.35 -31.50 -16.84
N THR B 549 26.45 -30.54 -16.63
CA THR B 549 25.23 -30.49 -17.44
C THR B 549 25.52 -30.09 -18.88
N VAL B 550 26.57 -29.29 -19.10
CA VAL B 550 26.86 -28.75 -20.42
C VAL B 550 28.03 -29.48 -21.08
N VAL B 551 28.47 -30.60 -20.52
CA VAL B 551 29.54 -31.36 -21.15
C VAL B 551 29.13 -31.77 -22.56
N ASP B 552 27.89 -32.21 -22.72
CA ASP B 552 27.38 -32.61 -24.04
C ASP B 552 26.68 -31.44 -24.72
N ALA B 553 27.44 -30.36 -24.88
CA ALA B 553 26.94 -29.15 -25.53
C ALA B 553 27.33 -29.16 -27.01
N ASP B 554 27.03 -28.05 -27.69
CA ASP B 554 27.34 -27.93 -29.10
C ASP B 554 28.18 -26.68 -29.36
N GLN B 555 27.97 -25.63 -28.57
CA GLN B 555 28.70 -24.38 -28.75
C GLN B 555 28.76 -23.67 -27.41
N LEU B 556 29.87 -23.80 -26.71
CA LEU B 556 30.08 -23.06 -25.46
C LEU B 556 30.47 -21.62 -25.79
N LEU B 557 29.97 -20.69 -24.98
CA LEU B 557 30.20 -19.26 -25.18
C LEU B 557 30.74 -18.64 -23.91
N PHE B 558 31.81 -19.23 -23.36
CA PHE B 558 32.43 -18.76 -22.13
C PHE B 558 32.49 -17.24 -22.08
N VAL B 559 31.90 -16.66 -21.03
CA VAL B 559 31.78 -15.22 -20.88
C VAL B 559 32.56 -14.81 -19.64
N GLU B 560 33.45 -13.83 -19.79
CA GLU B 560 34.25 -13.31 -18.69
C GLU B 560 34.26 -11.79 -18.77
N LYS B 561 33.69 -11.15 -17.75
CA LYS B 561 33.68 -9.69 -17.66
C LYS B 561 33.05 -9.04 -18.88
N GLY B 562 32.02 -9.66 -19.44
CA GLY B 562 31.27 -9.05 -20.52
C GLY B 562 31.90 -9.20 -21.89
N GLU B 563 32.50 -10.35 -22.16
CA GLU B 563 33.05 -10.62 -23.48
C GLU B 563 33.33 -12.10 -23.60
N ILE B 564 33.03 -12.67 -24.76
CA ILE B 564 33.18 -14.11 -24.99
C ILE B 564 34.61 -14.40 -25.40
N THR B 565 35.49 -14.61 -24.41
CA THR B 565 36.88 -14.90 -24.72
C THR B 565 37.03 -16.23 -25.43
N GLY B 566 36.30 -17.25 -24.97
CA GLY B 566 36.34 -18.58 -25.56
C GLY B 566 35.02 -18.88 -26.26
N ARG B 567 35.12 -19.48 -27.45
CA ARG B 567 33.92 -19.77 -28.24
C ARG B 567 34.21 -21.03 -29.06
N GLY B 568 33.69 -22.16 -28.59
CA GLY B 568 33.87 -23.41 -29.30
C GLY B 568 33.29 -24.56 -28.50
N THR B 569 33.46 -25.75 -29.06
CA THR B 569 32.99 -26.96 -28.40
C THR B 569 33.79 -27.21 -27.13
N HIS B 570 33.42 -28.28 -26.41
CA HIS B 570 34.06 -28.60 -25.15
C HIS B 570 35.58 -28.70 -25.27
N HIS B 571 36.07 -29.63 -26.09
CA HIS B 571 37.51 -29.86 -26.17
C HIS B 571 38.23 -28.65 -26.78
N GLU B 572 37.70 -28.10 -27.87
CA GLU B 572 38.36 -26.97 -28.52
C GLU B 572 38.43 -25.77 -27.59
N LEU B 573 37.30 -25.47 -26.91
CA LEU B 573 37.29 -24.34 -26.00
C LEU B 573 38.20 -24.58 -24.80
N MET B 574 38.25 -25.81 -24.30
CA MET B 574 39.16 -26.13 -23.20
C MET B 574 40.61 -25.89 -23.63
N ALA B 575 40.97 -26.32 -24.83
CA ALA B 575 42.33 -26.12 -25.31
C ALA B 575 42.63 -24.64 -25.51
N SER B 576 41.65 -23.87 -26.01
CA SER B 576 41.92 -22.48 -26.37
C SER B 576 41.96 -21.57 -25.15
N HIS B 577 40.88 -21.56 -24.36
CA HIS B 577 40.73 -20.57 -23.30
C HIS B 577 41.87 -20.62 -22.29
N GLY B 578 42.00 -21.73 -21.58
CA GLY B 578 43.02 -21.85 -20.56
C GLY B 578 42.47 -21.71 -19.16
N LEU B 579 41.57 -20.74 -18.97
CA LEU B 579 40.86 -20.60 -17.70
C LEU B 579 39.66 -21.53 -17.62
N TYR B 580 39.03 -21.83 -18.75
CA TYR B 580 38.00 -22.86 -18.76
C TYR B 580 38.56 -24.19 -18.30
N ARG B 581 39.83 -24.45 -18.58
CA ARG B 581 40.47 -25.65 -18.06
C ARG B 581 40.50 -25.63 -16.54
N ASP B 582 40.73 -24.46 -15.94
CA ASP B 582 40.76 -24.36 -14.49
C ASP B 582 39.41 -24.76 -13.89
N PHE B 583 38.31 -24.31 -14.50
CA PHE B 583 36.99 -24.69 -14.01
C PHE B 583 36.77 -26.19 -14.16
N ALA B 584 37.04 -26.73 -15.35
CA ALA B 584 36.83 -28.15 -15.58
C ALA B 584 37.70 -29.01 -14.67
N GLU B 585 38.98 -28.67 -14.56
CA GLU B 585 39.88 -29.44 -13.70
C GLU B 585 39.49 -29.32 -12.24
N GLN B 586 39.03 -28.14 -11.81
CA GLN B 586 38.57 -27.98 -10.44
C GLN B 586 37.37 -28.88 -10.16
N GLN B 587 36.43 -28.95 -11.11
CA GLN B 587 35.31 -29.87 -10.95
C GLN B 587 35.78 -31.30 -10.93
N LEU B 588 36.73 -31.65 -11.78
CA LEU B 588 37.27 -33.00 -11.84
C LEU B 588 37.95 -33.39 -10.54
PG ATP C . 14.87 -28.48 -1.62
O1G ATP C . 15.82 -29.64 -1.58
O2G ATP C . 15.57 -27.13 -1.50
O3G ATP C . 13.96 -28.48 -2.83
PB ATP C . 13.94 -28.39 1.21
O1B ATP C . 14.51 -29.59 1.84
O2B ATP C . 14.64 -27.08 1.52
O3B ATP C . 13.89 -28.53 -0.37
PA ATP C . 11.42 -28.69 2.69
O1A ATP C . 12.05 -28.61 4.03
O2A ATP C . 10.93 -30.09 2.30
O3A ATP C . 12.40 -28.21 1.55
O5' ATP C . 10.21 -27.68 2.58
C5' ATP C . 9.19 -27.85 1.57
C4' ATP C . 8.32 -29.02 1.94
O4' ATP C . 7.42 -28.62 3.01
C3' ATP C . 7.43 -29.55 0.83
O3' ATP C . 7.15 -30.93 1.00
C2' ATP C . 6.17 -28.70 1.00
O2' ATP C . 5.02 -29.36 0.50
C1' ATP C . 6.09 -28.59 2.52
N9 ATP C . 5.47 -27.35 3.00
C8 ATP C . 4.14 -27.14 3.24
N7 ATP C . 3.85 -25.94 3.67
C5 ATP C . 5.09 -25.31 3.71
C6 ATP C . 5.48 -24.01 4.09
N6 ATP C . 4.62 -23.06 4.51
N1 ATP C . 6.79 -23.70 4.02
C2 ATP C . 7.65 -24.64 3.60
N3 ATP C . 7.40 -25.89 3.23
C4 ATP C . 6.09 -26.17 3.31
MG MG D . 15.58 -26.33 0.14
PG ATP E . 25.94 -14.84 -11.63
O1G ATP E . 26.70 -15.85 -12.42
O2G ATP E . 24.60 -15.35 -11.12
O3G ATP E . 26.73 -14.28 -10.44
PB ATP E . 25.04 -13.23 -13.95
O1B ATP E . 25.99 -13.63 -15.01
O2B ATP E . 23.64 -13.82 -14.06
O3B ATP E . 25.59 -13.58 -12.51
PA ATP E . 25.17 -10.42 -14.81
O1A ATP E . 24.70 -10.68 -16.19
O2A ATP E . 26.65 -10.07 -14.66
O3A ATP E . 24.89 -11.66 -13.87
O5' ATP E . 24.32 -9.28 -14.14
C5' ATP E . 24.79 -8.58 -12.96
C4' ATP E . 25.89 -7.63 -13.38
O4' ATP E . 25.31 -6.43 -13.91
C3' ATP E . 26.80 -7.18 -12.24
O3' ATP E . 28.09 -6.83 -12.73
C2' ATP E . 26.06 -5.96 -11.71
O2' ATP E . 26.93 -5.04 -11.08
C1' ATP E . 25.53 -5.35 -13.02
N9 ATP E . 24.26 -4.62 -12.87
C8 ATP E . 24.11 -3.29 -12.56
N7 ATP E . 22.86 -2.90 -12.50
C5 ATP E . 22.14 -4.04 -12.78
C6 ATP E . 20.77 -4.30 -12.87
N6 ATP E . 19.82 -3.37 -12.68
N1 ATP E . 20.38 -5.57 -13.17
C2 ATP E . 21.30 -6.49 -13.36
N3 ATP E . 22.63 -6.37 -13.31
C4 ATP E . 23.00 -5.12 -13.01
MG MG F . 24.24 -15.06 -12.92
#